data_9BGD
#
_entry.id   9BGD
#
_cell.length_a   66.280
_cell.length_b   85.490
_cell.length_c   128.400
_cell.angle_alpha   90.000
_cell.angle_beta   90.000
_cell.angle_gamma   90.000
#
_symmetry.space_group_name_H-M   'P 21 21 21'
#
loop_
_entity.id
_entity.type
_entity.pdbx_description
1 polymer 'GTPase NRas'
2 polymer 'Peptidyl-prolyl cis-trans isomerase A'
3 non-polymer 'PHOSPHOAMINOPHOSPHONIC ACID-GUANYLATE ESTER'
4 non-polymer 'MAGNESIUM ION'
5 non-polymer (1R,2S)-N-[(1P,7S,9S,13R,20M)-21-ethyl-20-{2-[(1R)-1-methoxyethyl]-5-(4-methylpiperazin-1-yl)pyridin-3-yl}-17,17-dimethyl-8,14-dioxo-15-oxa-4-thia-9,21,27,28-tetraazapentacyclo[17.5.2.1~2,5~.1~9,13~.0~22,26~]octacosa-1(24),2,5(28),19,22,25-hexaen-7-yl]-2-methylcyclopropane-1-carboxamide
6 water water
#
loop_
_entity_poly.entity_id
_entity_poly.type
_entity_poly.pdbx_seq_one_letter_code
_entity_poly.pdbx_strand_id
1 'polypeptide(L)'
;SMTEYKLVVVGAGGVGKSALTIQLIQNHFVDEYDPTIEDSYRKQVVIDGETCLLDILDTAGLEEYSAMRDQYMRTGEGFL
CVFAINNSKSFADINLYREQIKRVKDSDDVPMVLVGNKCDLPTRTVDTKQAHELAKSYGIPFIETSAKTRQGVEDAFYTL
VREIRQYRMK
;
A,B
2 'polypeptide(L)'
;SMVNPTVFFDIAVDGEPLGRVSFELFADKVPKTAENFRALSTGEKGFGYKGSCFHRIIPGFMCQGGDFTRHNGTGGKSIY
GEKFEDENFILKHTGPGILSMANAGPNTNGSQFFICTAKTEWLDGKHVVFGKVKEGMNIVEAMERFGSRNGKTSKKITIA
DCGQLE
;
C,D
#
# COMPACT_ATOMS: atom_id res chain seq x y z
N MET A 2 -23.62 29.38 -26.55
CA MET A 2 -22.52 29.99 -25.81
C MET A 2 -21.52 28.97 -25.31
N THR A 3 -20.27 29.10 -25.72
CA THR A 3 -19.30 28.04 -25.44
C THR A 3 -18.91 28.03 -23.96
N GLU A 4 -18.83 26.83 -23.39
CA GLU A 4 -18.43 26.67 -22.00
C GLU A 4 -16.98 26.19 -21.92
N TYR A 5 -16.27 26.71 -20.92
CA TYR A 5 -14.86 26.40 -20.71
C TYR A 5 -14.69 25.91 -19.29
N LYS A 6 -14.07 24.74 -19.11
CA LYS A 6 -13.86 24.17 -17.78
C LYS A 6 -12.46 24.50 -17.31
N LEU A 7 -12.35 25.53 -16.49
CA LEU A 7 -11.08 26.01 -15.96
C LEU A 7 -10.88 25.44 -14.56
N VAL A 8 -9.62 25.10 -14.24
CA VAL A 8 -9.28 24.59 -12.91
C VAL A 8 -8.13 25.42 -12.39
N VAL A 9 -8.24 25.91 -11.15
CA VAL A 9 -7.20 26.73 -10.53
C VAL A 9 -6.42 25.81 -9.58
N VAL A 10 -5.10 25.68 -9.80
CA VAL A 10 -4.24 24.81 -8.99
C VAL A 10 -3.01 25.55 -8.50
N GLY A 11 -2.39 25.00 -7.46
CA GLY A 11 -1.18 25.56 -6.91
C GLY A 11 -1.09 25.29 -5.43
N ALA A 12 0.09 25.57 -4.87
CA ALA A 12 0.36 25.31 -3.46
C ALA A 12 -0.64 26.04 -2.55
N GLY A 13 -0.79 25.52 -1.34
CA GLY A 13 -1.69 26.15 -0.38
C GLY A 13 -1.26 27.58 -0.08
N GLY A 14 -2.24 28.49 -0.09
CA GLY A 14 -2.04 29.87 0.33
C GLY A 14 -1.52 30.82 -0.72
N VAL A 15 -1.35 30.37 -1.96
CA VAL A 15 -0.81 31.24 -3.01
C VAL A 15 -1.83 32.27 -3.48
N GLY A 16 -3.11 32.04 -3.22
CA GLY A 16 -4.16 32.97 -3.61
C GLY A 16 -5.10 32.47 -4.69
N LYS A 17 -5.24 31.15 -4.85
CA LYS A 17 -6.17 30.62 -5.84
C LYS A 17 -7.59 31.14 -5.59
N SER A 18 -8.04 31.08 -4.34
CA SER A 18 -9.41 31.48 -4.06
C SER A 18 -9.57 32.99 -4.13
N ALA A 19 -8.57 33.74 -3.61
CA ALA A 19 -8.62 35.20 -3.71
C ALA A 19 -8.77 35.64 -5.16
N LEU A 20 -8.04 35.00 -6.07
CA LEU A 20 -8.13 35.35 -7.49
C LEU A 20 -9.52 35.03 -8.03
N THR A 21 -10.04 33.85 -7.71
CA THR A 21 -11.33 33.44 -8.24
C THR A 21 -12.44 34.32 -7.68
N ILE A 22 -12.43 34.59 -6.38
CA ILE A 22 -13.45 35.47 -5.77
C ILE A 22 -13.35 36.89 -6.32
N GLN A 23 -12.13 37.35 -6.59
CA GLN A 23 -12.01 38.68 -7.18
C GLN A 23 -12.64 38.72 -8.57
N LEU A 24 -12.44 37.65 -9.36
CA LEU A 24 -13.09 37.58 -10.68
C LEU A 24 -14.61 37.53 -10.54
N ILE A 25 -15.12 36.71 -9.62
CA ILE A 25 -16.54 36.43 -9.54
C ILE A 25 -17.26 37.53 -8.77
N GLN A 26 -16.71 37.93 -7.63
CA GLN A 26 -17.45 38.76 -6.68
C GLN A 26 -16.88 40.17 -6.55
N ASN A 27 -15.77 40.47 -7.21
CA ASN A 27 -15.20 41.82 -7.21
C ASN A 27 -14.82 42.30 -5.81
N HIS A 28 -14.30 41.41 -4.98
CA HIS A 28 -13.78 41.88 -3.68
C HIS A 28 -12.72 40.91 -3.17
N PHE A 29 -11.99 41.39 -2.16
CA PHE A 29 -10.84 40.70 -1.58
C PHE A 29 -10.98 40.79 -0.06
N VAL A 30 -10.74 39.68 0.62
CA VAL A 30 -10.68 39.68 2.09
C VAL A 30 -9.35 39.04 2.48
N ASP A 31 -8.73 39.57 3.54
CA ASP A 31 -7.43 39.07 3.94
C ASP A 31 -7.51 37.83 4.82
N GLU A 32 -8.70 37.37 5.19
CA GLU A 32 -8.81 36.22 6.06
C GLU A 32 -8.41 34.94 5.34
N TYR A 33 -7.85 33.99 6.09
N TYR A 33 -7.97 33.97 6.13
CA TYR A 33 -7.46 32.73 5.50
CA TYR A 33 -7.43 32.69 5.64
C TYR A 33 -8.57 31.71 5.72
C TYR A 33 -8.53 31.63 5.76
N ASP A 34 -9.06 31.17 4.61
CA ASP A 34 -10.15 30.21 4.58
C ASP A 34 -9.72 29.12 3.61
N PRO A 35 -8.96 28.13 4.05
CA PRO A 35 -8.42 27.14 3.10
C PRO A 35 -9.53 26.32 2.47
N THR A 36 -9.36 26.00 1.19
CA THR A 36 -10.44 25.47 0.38
C THR A 36 -10.54 23.96 0.53
N ILE A 37 -11.77 23.44 0.52
CA ILE A 37 -12.03 22.01 0.31
C ILE A 37 -12.16 21.79 -1.18
N GLU A 38 -13.23 22.35 -1.75
CA GLU A 38 -13.43 22.41 -3.19
C GLU A 38 -14.59 23.36 -3.45
N ASP A 39 -14.45 24.29 -4.39
CA ASP A 39 -15.54 25.20 -4.70
C ASP A 39 -15.63 25.36 -6.20
N SER A 40 -16.86 25.56 -6.68
CA SER A 40 -17.12 25.71 -8.11
C SER A 40 -17.89 26.99 -8.33
N TYR A 41 -17.62 27.64 -9.45
CA TYR A 41 -18.24 28.93 -9.78
C TYR A 41 -18.53 28.97 -11.27
N ARG A 42 -19.45 29.83 -11.66
CA ARG A 42 -19.81 30.03 -13.05
CA ARG A 42 -19.77 30.04 -13.06
C ARG A 42 -19.84 31.53 -13.33
N LYS A 43 -19.27 31.93 -14.44
CA LYS A 43 -19.29 33.35 -14.80
C LYS A 43 -19.38 33.50 -16.30
N GLN A 44 -20.31 34.33 -16.75
CA GLN A 44 -20.42 34.68 -18.16
C GLN A 44 -19.57 35.91 -18.44
N VAL A 45 -18.78 35.84 -19.52
CA VAL A 45 -17.88 36.92 -19.92
C VAL A 45 -17.88 37.02 -21.45
N VAL A 46 -17.37 38.15 -21.94
CA VAL A 46 -17.15 38.34 -23.37
C VAL A 46 -15.65 38.45 -23.59
N ILE A 47 -15.11 37.56 -24.42
CA ILE A 47 -13.69 37.55 -24.73
C ILE A 47 -13.55 37.61 -26.24
N ASP A 48 -12.90 38.67 -26.74
CA ASP A 48 -12.69 38.86 -28.17
C ASP A 48 -13.99 38.82 -28.95
N GLY A 49 -15.06 39.35 -28.36
CA GLY A 49 -16.33 39.45 -29.05
C GLY A 49 -17.21 38.22 -29.00
N GLU A 50 -16.80 37.16 -28.30
CA GLU A 50 -17.61 35.96 -28.14
C GLU A 50 -18.08 35.84 -26.70
N THR A 51 -19.36 35.49 -26.52
CA THR A 51 -19.84 35.17 -25.17
C THR A 51 -19.32 33.80 -24.74
N CYS A 52 -18.70 33.75 -23.56
CA CYS A 52 -18.12 32.54 -22.99
C CYS A 52 -18.72 32.30 -21.62
N LEU A 53 -18.95 31.04 -21.29
CA LEU A 53 -19.35 30.67 -19.94
C LEU A 53 -18.18 29.95 -19.28
N LEU A 54 -17.65 30.55 -18.23
CA LEU A 54 -16.52 30.00 -17.49
C LEU A 54 -17.05 29.13 -16.35
N ASP A 55 -16.70 27.85 -16.36
CA ASP A 55 -16.96 26.97 -15.24
C ASP A 55 -15.61 26.80 -14.53
N ILE A 56 -15.49 27.35 -13.31
CA ILE A 56 -14.20 27.45 -12.63
C ILE A 56 -14.21 26.54 -11.41
N LEU A 57 -13.23 25.65 -11.34
CA LEU A 57 -13.03 24.79 -10.18
C LEU A 57 -11.87 25.34 -9.34
N ASP A 58 -12.17 25.71 -8.09
CA ASP A 58 -11.17 26.22 -7.14
C ASP A 58 -10.79 25.05 -6.25
N THR A 59 -9.53 24.60 -6.34
CA THR A 59 -9.12 23.35 -5.69
C THR A 59 -8.33 23.60 -4.40
N ALA A 60 -8.18 22.52 -3.63
CA ALA A 60 -7.44 22.58 -2.38
C ALA A 60 -5.93 22.53 -2.63
N GLY A 61 -5.20 23.47 -2.03
CA GLY A 61 -3.75 23.46 -2.06
C GLY A 61 -3.11 22.61 -0.98
N LEU A 62 -3.88 22.20 0.03
CA LEU A 62 -3.32 21.50 1.18
C LEU A 62 -2.65 20.21 0.73
N GLU A 63 -1.34 20.10 0.97
CA GLU A 63 -0.56 19.05 0.31
C GLU A 63 -0.92 17.65 0.81
N GLU A 64 -1.53 17.56 1.99
CA GLU A 64 -2.01 16.28 2.52
C GLU A 64 -2.82 15.49 1.48
N TYR A 65 -3.60 16.18 0.65
CA TYR A 65 -4.52 15.51 -0.28
C TYR A 65 -3.99 15.48 -1.70
N SER A 66 -2.66 15.49 -1.86
CA SER A 66 -2.05 15.47 -3.18
C SER A 66 -2.45 14.26 -4.01
N ALA A 67 -2.93 13.18 -3.39
CA ALA A 67 -3.30 11.98 -4.13
C ALA A 67 -4.73 11.99 -4.65
N MET A 68 -5.44 13.11 -4.53
CA MET A 68 -6.86 13.15 -4.90
C MET A 68 -7.12 14.17 -5.99
N ARG A 69 -6.15 14.36 -6.89
CA ARG A 69 -6.26 15.33 -7.97
C ARG A 69 -6.56 14.71 -9.32
N ASP A 70 -6.41 13.40 -9.49
CA ASP A 70 -6.51 12.85 -10.84
C ASP A 70 -7.86 13.16 -11.47
N GLN A 71 -8.94 13.01 -10.72
CA GLN A 71 -10.26 13.12 -11.34
C GLN A 71 -10.53 14.54 -11.83
N TYR A 72 -10.19 15.54 -11.03
CA TYR A 72 -10.47 16.90 -11.52
C TYR A 72 -9.50 17.28 -12.63
N MET A 73 -8.31 16.68 -12.67
CA MET A 73 -7.41 16.97 -13.77
C MET A 73 -7.87 16.31 -15.07
N ARG A 74 -8.47 15.12 -15.00
CA ARG A 74 -9.03 14.54 -16.21
C ARG A 74 -10.20 15.37 -16.74
N THR A 75 -11.05 15.89 -15.85
CA THR A 75 -12.23 16.62 -16.27
C THR A 75 -11.90 18.01 -16.79
N GLY A 76 -10.90 18.66 -16.21
CA GLY A 76 -10.61 20.05 -16.55
C GLY A 76 -10.10 20.19 -17.97
N GLU A 77 -10.43 21.33 -18.60
CA GLU A 77 -9.95 21.64 -19.94
C GLU A 77 -8.75 22.58 -19.96
N GLY A 78 -8.57 23.40 -18.94
CA GLY A 78 -7.41 24.27 -18.87
C GLY A 78 -7.09 24.58 -17.42
N PHE A 79 -5.82 24.92 -17.17
CA PHE A 79 -5.35 25.04 -15.80
C PHE A 79 -4.65 26.38 -15.59
N LEU A 80 -5.10 27.09 -14.56
CA LEU A 80 -4.41 28.27 -14.03
C LEU A 80 -3.46 27.79 -12.95
N CYS A 81 -2.15 27.79 -13.24
CA CYS A 81 -1.16 27.25 -12.31
C CYS A 81 -0.55 28.40 -11.54
N VAL A 82 -0.88 28.48 -10.25
CA VAL A 82 -0.66 29.70 -9.47
C VAL A 82 0.46 29.48 -8.47
N PHE A 83 1.38 30.43 -8.39
CA PHE A 83 2.36 30.52 -7.31
C PHE A 83 2.33 31.96 -6.78
N ALA A 84 2.95 32.19 -5.64
CA ALA A 84 3.03 33.53 -5.06
C ALA A 84 4.46 34.04 -5.18
N ILE A 85 4.61 35.31 -5.58
CA ILE A 85 5.95 35.82 -5.90
C ILE A 85 6.82 35.99 -4.68
N ASN A 86 6.25 35.85 -3.48
CA ASN A 86 7.00 35.92 -2.23
C ASN A 86 7.14 34.55 -1.56
N ASN A 87 6.97 33.46 -2.32
CA ASN A 87 7.00 32.10 -1.78
C ASN A 87 7.74 31.21 -2.78
N SER A 88 9.04 31.06 -2.59
CA SER A 88 9.85 30.32 -3.54
C SER A 88 9.45 28.85 -3.60
N LYS A 89 8.98 28.29 -2.48
CA LYS A 89 8.56 26.88 -2.49
C LYS A 89 7.33 26.70 -3.37
N SER A 90 6.38 27.65 -3.34
CA SER A 90 5.22 27.55 -4.22
C SER A 90 5.63 27.59 -5.68
N PHE A 91 6.73 28.26 -5.99
CA PHE A 91 7.21 28.33 -7.36
C PHE A 91 7.84 27.00 -7.79
N ALA A 92 8.57 26.35 -6.88
CA ALA A 92 9.03 25.00 -7.15
C ALA A 92 7.86 24.02 -7.30
N ASP A 93 6.79 24.22 -6.50
CA ASP A 93 5.63 23.34 -6.57
C ASP A 93 4.96 23.37 -7.94
N ILE A 94 5.13 24.46 -8.69
CA ILE A 94 4.50 24.60 -10.00
C ILE A 94 4.82 23.41 -10.90
N ASN A 95 6.10 23.04 -10.95
CA ASN A 95 6.51 22.00 -11.90
C ASN A 95 5.87 20.66 -11.55
N LEU A 96 5.68 20.38 -10.27
CA LEU A 96 5.03 19.15 -9.86
C LEU A 96 3.57 19.11 -10.31
N TYR A 97 2.86 20.24 -10.16
CA TYR A 97 1.50 20.32 -10.70
C TYR A 97 1.50 20.11 -12.20
N ARG A 98 2.38 20.79 -12.93
CA ARG A 98 2.39 20.64 -14.38
C ARG A 98 2.69 19.21 -14.80
N GLU A 99 3.65 18.57 -14.13
CA GLU A 99 3.98 17.18 -14.45
C GLU A 99 2.81 16.26 -14.16
N GLN A 100 2.11 16.49 -13.04
CA GLN A 100 0.94 15.69 -12.72
C GLN A 100 -0.15 15.85 -13.77
N ILE A 101 -0.40 17.09 -14.22
CA ILE A 101 -1.45 17.31 -15.22
C ILE A 101 -1.11 16.63 -16.53
N LYS A 102 0.14 16.80 -16.99
CA LYS A 102 0.56 16.13 -18.22
C LYS A 102 0.48 14.62 -18.07
N ARG A 103 0.89 14.12 -16.90
CA ARG A 103 0.84 12.69 -16.63
C ARG A 103 -0.58 12.17 -16.69
N VAL A 104 -1.51 12.86 -16.03
CA VAL A 104 -2.88 12.40 -15.90
C VAL A 104 -3.64 12.51 -17.21
N LYS A 105 -3.45 13.61 -17.94
CA LYS A 105 -4.09 13.81 -19.23
C LYS A 105 -3.31 13.20 -20.40
N ASP A 106 -2.14 12.62 -20.12
CA ASP A 106 -1.32 11.94 -21.11
C ASP A 106 -1.13 12.80 -22.36
N SER A 107 -0.58 14.00 -22.14
CA SER A 107 -0.41 14.94 -23.23
C SER A 107 0.60 16.01 -22.82
N ASP A 108 1.46 16.38 -23.77
CA ASP A 108 2.34 17.52 -23.60
C ASP A 108 1.65 18.83 -23.93
N ASP A 109 0.41 18.76 -24.40
CA ASP A 109 -0.29 19.87 -25.03
C ASP A 109 -1.60 20.11 -24.28
N VAL A 110 -1.50 20.59 -23.04
CA VAL A 110 -2.66 20.90 -22.20
C VAL A 110 -2.70 22.40 -22.01
N PRO A 111 -3.83 23.06 -22.29
CA PRO A 111 -3.92 24.51 -22.05
C PRO A 111 -3.64 24.87 -20.60
N MET A 112 -2.69 25.79 -20.41
CA MET A 112 -2.28 26.22 -19.09
C MET A 112 -1.80 27.66 -19.18
N VAL A 113 -1.89 28.36 -18.04
CA VAL A 113 -1.29 29.68 -17.87
C VAL A 113 -0.57 29.68 -16.53
N LEU A 114 0.66 30.17 -16.51
CA LEU A 114 1.38 30.36 -15.28
C LEU A 114 1.02 31.72 -14.70
N VAL A 115 0.65 31.74 -13.42
CA VAL A 115 0.22 32.95 -12.71
C VAL A 115 1.14 33.16 -11.52
N GLY A 116 1.78 34.33 -11.47
CA GLY A 116 2.54 34.71 -10.30
C GLY A 116 1.73 35.74 -9.52
N ASN A 117 1.12 35.32 -8.42
CA ASN A 117 0.17 36.13 -7.68
C ASN A 117 0.86 36.89 -6.54
N LYS A 118 0.13 37.86 -5.99
CA LYS A 118 0.55 38.70 -4.85
C LYS A 118 1.59 39.75 -5.28
N CYS A 119 1.51 40.24 -6.52
CA CYS A 119 2.51 41.20 -7.00
CA CYS A 119 2.51 41.19 -7.00
C CYS A 119 2.36 42.57 -6.38
N ASP A 120 1.35 42.78 -5.55
CA ASP A 120 1.25 44.00 -4.75
C ASP A 120 2.25 44.05 -3.62
N LEU A 121 2.89 42.92 -3.28
CA LEU A 121 3.78 42.86 -2.13
C LEU A 121 5.18 43.34 -2.50
N PRO A 122 5.89 43.97 -1.57
CA PRO A 122 7.27 44.39 -1.85
C PRO A 122 8.30 43.29 -1.65
N THR A 123 7.96 42.24 -0.91
CA THR A 123 8.92 41.22 -0.47
C THR A 123 9.08 40.08 -1.47
N ARG A 124 9.40 40.41 -2.71
CA ARG A 124 9.50 39.40 -3.76
C ARG A 124 10.72 38.51 -3.57
N THR A 125 10.53 37.20 -3.74
CA THR A 125 11.61 36.22 -3.73
C THR A 125 11.72 35.40 -5.00
N VAL A 126 10.76 35.52 -5.91
CA VAL A 126 10.82 34.89 -7.23
C VAL A 126 10.89 36.03 -8.23
N ASP A 127 12.03 36.17 -8.92
CA ASP A 127 12.14 37.27 -9.84
C ASP A 127 11.37 36.96 -11.12
N THR A 128 10.96 38.04 -11.81
CA THR A 128 10.10 37.89 -12.98
C THR A 128 10.77 37.13 -14.12
N LYS A 129 12.10 37.23 -14.24
CA LYS A 129 12.80 36.51 -15.31
C LYS A 129 12.77 35.00 -15.06
N GLN A 130 12.95 34.59 -13.80
CA GLN A 130 12.79 33.19 -13.42
C GLN A 130 11.47 32.62 -13.93
N ALA A 131 10.38 33.36 -13.69
CA ALA A 131 9.06 32.87 -14.06
C ALA A 131 8.87 32.89 -15.56
N HIS A 132 9.28 33.97 -16.23
CA HIS A 132 9.11 34.05 -17.69
C HIS A 132 9.81 32.88 -18.39
N GLU A 133 11.00 32.50 -17.90
CA GLU A 133 11.73 31.42 -18.56
C GLU A 133 11.10 30.06 -18.30
N LEU A 134 10.58 29.85 -17.09
CA LEU A 134 9.83 28.63 -16.83
C LEU A 134 8.64 28.51 -17.77
N ALA A 135 7.84 29.58 -17.86
CA ALA A 135 6.70 29.58 -18.77
C ALA A 135 7.15 29.42 -20.22
N LYS A 136 8.24 30.07 -20.61
CA LYS A 136 8.74 29.90 -21.98
C LYS A 136 9.11 28.44 -22.24
N SER A 137 9.68 27.76 -21.24
CA SER A 137 10.06 26.36 -21.41
C SER A 137 8.85 25.44 -21.44
N TYR A 138 7.71 25.87 -20.90
CA TYR A 138 6.47 25.11 -21.02
C TYR A 138 5.72 25.42 -22.29
N GLY A 139 6.07 26.49 -23.00
CA GLY A 139 5.28 26.97 -24.12
C GLY A 139 3.98 27.65 -23.74
N ILE A 140 3.88 28.20 -22.54
CA ILE A 140 2.61 28.75 -22.07
C ILE A 140 2.79 30.19 -21.65
N PRO A 141 1.69 30.94 -21.53
CA PRO A 141 1.78 32.34 -21.06
C PRO A 141 2.12 32.45 -19.59
N PHE A 142 2.72 33.59 -19.24
CA PHE A 142 2.98 33.96 -17.85
C PHE A 142 2.35 35.33 -17.57
N ILE A 143 1.53 35.40 -16.53
CA ILE A 143 0.82 36.62 -16.16
C ILE A 143 1.05 36.88 -14.68
N GLU A 144 1.46 38.11 -14.35
CA GLU A 144 1.56 38.53 -12.95
C GLU A 144 0.26 39.16 -12.49
N THR A 145 -0.18 38.81 -11.28
CA THR A 145 -1.49 39.23 -10.80
C THR A 145 -1.39 39.71 -9.35
N SER A 146 -2.41 40.45 -8.93
CA SER A 146 -2.66 40.68 -7.52
C SER A 146 -4.16 40.53 -7.31
N ALA A 147 -4.57 39.55 -6.52
CA ALA A 147 -5.99 39.49 -6.17
C ALA A 147 -6.38 40.65 -5.26
N LYS A 148 -5.41 41.26 -4.60
CA LYS A 148 -5.74 42.37 -3.71
C LYS A 148 -6.06 43.65 -4.49
N THR A 149 -5.26 43.98 -5.50
CA THR A 149 -5.51 45.18 -6.28
C THR A 149 -6.32 44.93 -7.53
N ARG A 150 -6.54 43.67 -7.92
CA ARG A 150 -7.16 43.19 -9.16
C ARG A 150 -6.22 43.24 -10.34
N GLN A 151 -4.97 43.70 -10.18
CA GLN A 151 -4.01 43.72 -11.29
C GLN A 151 -3.94 42.35 -11.95
N GLY A 152 -4.18 42.32 -13.27
CA GLY A 152 -3.99 41.13 -14.06
C GLY A 152 -5.01 40.02 -13.86
N VAL A 153 -6.02 40.20 -13.00
CA VAL A 153 -6.90 39.09 -12.66
C VAL A 153 -7.72 38.65 -13.86
N GLU A 154 -8.45 39.58 -14.50
CA GLU A 154 -9.20 39.22 -15.71
C GLU A 154 -8.26 38.70 -16.79
N ASP A 155 -7.07 39.30 -16.90
CA ASP A 155 -6.17 38.91 -17.98
C ASP A 155 -5.73 37.46 -17.82
N ALA A 156 -5.52 37.01 -16.57
CA ALA A 156 -5.10 35.64 -16.33
C ALA A 156 -6.18 34.63 -16.77
N PHE A 157 -7.40 34.81 -16.28
CA PHE A 157 -8.48 33.90 -16.68
C PHE A 157 -8.77 34.01 -18.16
N TYR A 158 -8.79 35.22 -18.72
CA TYR A 158 -9.15 35.36 -20.14
C TYR A 158 -8.08 34.77 -21.05
N THR A 159 -6.82 34.93 -20.69
CA THR A 159 -5.74 34.30 -21.46
C THR A 159 -5.88 32.78 -21.46
N LEU A 160 -6.25 32.19 -20.31
CA LEU A 160 -6.46 30.75 -20.29
C LEU A 160 -7.57 30.35 -21.25
N VAL A 161 -8.68 31.10 -21.26
CA VAL A 161 -9.74 30.81 -22.23
C VAL A 161 -9.20 30.89 -23.64
N ARG A 162 -8.36 31.88 -23.94
CA ARG A 162 -7.79 31.97 -25.27
C ARG A 162 -6.91 30.75 -25.59
N GLU A 163 -6.20 30.24 -24.58
CA GLU A 163 -5.38 29.05 -24.79
C GLU A 163 -6.24 27.82 -25.09
N ILE A 164 -7.36 27.68 -24.38
CA ILE A 164 -8.26 26.57 -24.67
C ILE A 164 -8.84 26.72 -26.08
N ARG A 165 -9.27 27.94 -26.41
CA ARG A 165 -9.86 28.20 -27.71
C ARG A 165 -8.92 27.76 -28.84
N GLN A 166 -7.65 28.17 -28.76
CA GLN A 166 -6.68 27.79 -29.79
C GLN A 166 -6.48 26.28 -29.85
N TYR A 167 -6.47 25.62 -28.69
CA TYR A 167 -6.33 24.17 -28.64
C TYR A 167 -7.49 23.46 -29.34
N ARG A 168 -8.70 24.01 -29.21
CA ARG A 168 -9.86 23.41 -29.86
C ARG A 168 -9.90 23.70 -31.35
N MET A 169 -9.56 24.93 -31.76
CA MET A 169 -9.60 25.33 -33.16
C MET A 169 -8.31 25.02 -33.90
N LYS A 170 -7.49 24.13 -33.37
CA LYS A 170 -6.33 23.63 -34.12
C LYS A 170 -6.75 22.36 -34.86
N SER B 1 35.55 -42.32 14.39
CA SER B 1 34.39 -41.44 14.17
C SER B 1 33.31 -42.20 13.40
N MET B 2 32.05 -41.98 13.79
CA MET B 2 30.93 -42.73 13.20
C MET B 2 30.86 -42.46 11.70
N THR B 3 30.40 -43.47 10.96
CA THR B 3 30.29 -43.35 9.52
C THR B 3 29.11 -42.47 9.15
N GLU B 4 29.29 -41.69 8.09
CA GLU B 4 28.29 -40.74 7.62
C GLU B 4 27.68 -41.26 6.32
N TYR B 5 26.36 -41.14 6.20
CA TYR B 5 25.64 -41.59 5.02
C TYR B 5 24.93 -40.40 4.37
N LYS B 6 25.22 -40.16 3.10
CA LYS B 6 24.57 -39.08 2.34
C LYS B 6 23.33 -39.62 1.67
N LEU B 7 22.15 -39.28 2.22
CA LEU B 7 20.86 -39.72 1.72
C LEU B 7 20.17 -38.60 0.95
N VAL B 8 19.54 -38.94 -0.17
CA VAL B 8 18.82 -37.97 -0.99
C VAL B 8 17.37 -38.41 -1.15
N VAL B 9 16.43 -37.50 -0.86
CA VAL B 9 15.00 -37.78 -0.97
C VAL B 9 14.49 -37.16 -2.26
N VAL B 10 13.99 -38.00 -3.18
CA VAL B 10 13.53 -37.57 -4.49
C VAL B 10 12.13 -38.10 -4.75
N GLY B 11 11.43 -37.42 -5.64
CA GLY B 11 10.08 -37.79 -6.04
C GLY B 11 9.31 -36.58 -6.52
N ALA B 12 8.12 -36.85 -7.06
CA ALA B 12 7.32 -35.79 -7.66
C ALA B 12 6.89 -34.76 -6.61
N GLY B 13 6.42 -33.62 -7.12
CA GLY B 13 6.00 -32.54 -6.23
C GLY B 13 4.79 -32.92 -5.39
N GLY B 14 4.86 -32.65 -4.09
CA GLY B 14 3.73 -32.82 -3.20
C GLY B 14 3.52 -34.21 -2.64
N VAL B 15 4.37 -35.18 -2.98
CA VAL B 15 4.20 -36.52 -2.43
C VAL B 15 4.55 -36.61 -0.95
N GLY B 16 5.12 -35.55 -0.37
CA GLY B 16 5.50 -35.52 1.01
C GLY B 16 6.96 -35.80 1.33
N LYS B 17 7.87 -35.50 0.41
CA LYS B 17 9.30 -35.70 0.68
C LYS B 17 9.71 -34.95 1.92
N SER B 18 9.29 -33.69 2.04
CA SER B 18 9.64 -32.87 3.19
C SER B 18 8.93 -33.36 4.44
N ALA B 19 7.66 -33.75 4.31
CA ALA B 19 6.91 -34.22 5.48
C ALA B 19 7.58 -35.44 6.10
N LEU B 20 8.09 -36.36 5.27
CA LEU B 20 8.81 -37.51 5.79
C LEU B 20 10.10 -37.08 6.47
N THR B 21 10.85 -36.18 5.83
CA THR B 21 12.14 -35.77 6.39
C THR B 21 11.95 -35.01 7.69
N ILE B 22 10.99 -34.09 7.73
CA ILE B 22 10.75 -33.28 8.94
C ILE B 22 10.18 -34.14 10.06
N GLN B 23 9.39 -35.16 9.71
CA GLN B 23 8.96 -36.12 10.72
C GLN B 23 10.18 -36.78 11.39
N LEU B 24 11.15 -37.21 10.58
CA LEU B 24 12.35 -37.85 11.13
C LEU B 24 13.19 -36.86 11.95
N ILE B 25 13.37 -35.64 11.45
CA ILE B 25 14.32 -34.72 12.07
C ILE B 25 13.67 -34.00 13.26
N GLN B 26 12.42 -33.56 13.11
CA GLN B 26 11.79 -32.65 14.06
C GLN B 26 10.56 -33.21 14.77
N ASN B 27 10.11 -34.41 14.42
CA ASN B 27 9.08 -35.13 15.16
C ASN B 27 7.75 -34.36 15.20
N HIS B 28 7.34 -33.84 14.05
CA HIS B 28 6.01 -33.24 13.91
C HIS B 28 5.65 -33.23 12.44
N PHE B 29 4.34 -33.22 12.17
CA PHE B 29 3.82 -33.25 10.82
C PHE B 29 3.50 -31.83 10.38
N VAL B 30 4.02 -31.45 9.21
CA VAL B 30 3.76 -30.14 8.64
C VAL B 30 2.56 -30.26 7.70
N ASP B 31 1.52 -29.49 7.99
CA ASP B 31 0.28 -29.58 7.24
C ASP B 31 0.24 -28.67 6.02
N GLU B 32 0.99 -27.58 6.03
CA GLU B 32 0.88 -26.58 4.98
C GLU B 32 1.63 -27.01 3.73
N TYR B 33 1.39 -26.29 2.65
CA TYR B 33 2.05 -26.50 1.36
C TYR B 33 3.18 -25.49 1.27
N ASP B 34 4.42 -25.94 1.51
CA ASP B 34 5.61 -25.11 1.36
C ASP B 34 6.57 -25.82 0.42
N PRO B 35 6.41 -25.65 -0.88
CA PRO B 35 7.25 -26.36 -1.85
C PRO B 35 8.72 -26.03 -1.65
N THR B 36 9.56 -27.05 -1.81
CA THR B 36 10.98 -26.97 -1.47
C THR B 36 11.83 -26.43 -2.62
N ILE B 37 12.86 -25.66 -2.26
CA ILE B 37 13.95 -25.35 -3.18
C ILE B 37 15.02 -26.43 -3.00
N GLU B 38 15.62 -26.46 -1.81
CA GLU B 38 16.57 -27.51 -1.43
C GLU B 38 16.91 -27.31 0.04
N ASP B 39 16.84 -28.37 0.83
CA ASP B 39 17.09 -28.28 2.27
C ASP B 39 17.99 -29.45 2.67
N SER B 40 18.83 -29.23 3.66
CA SER B 40 19.78 -30.24 4.14
C SER B 40 19.66 -30.40 5.64
N TYR B 41 19.81 -31.63 6.13
CA TYR B 41 19.69 -31.91 7.56
C TYR B 41 20.72 -32.95 7.97
N ARG B 42 21.03 -32.97 9.28
CA ARG B 42 21.99 -33.93 9.84
CA ARG B 42 21.96 -33.94 9.83
C ARG B 42 21.40 -34.50 11.14
N LYS B 43 21.50 -35.82 11.30
CA LYS B 43 20.98 -36.47 12.50
C LYS B 43 21.81 -37.70 12.80
N GLN B 44 22.17 -37.84 14.08
CA GLN B 44 22.87 -39.00 14.60
C GLN B 44 21.84 -40.05 15.01
N VAL B 45 22.04 -41.30 14.58
CA VAL B 45 21.09 -42.38 14.87
C VAL B 45 21.88 -43.67 15.15
N VAL B 46 21.16 -44.65 15.68
CA VAL B 46 21.71 -45.98 15.93
C VAL B 46 20.88 -46.97 15.15
N ILE B 47 21.53 -47.72 14.26
CA ILE B 47 20.86 -48.69 13.40
C ILE B 47 21.54 -50.02 13.60
N ASP B 48 20.78 -51.03 14.02
CA ASP B 48 21.32 -52.36 14.29
C ASP B 48 22.54 -52.27 15.21
N GLY B 49 22.46 -51.37 16.20
CA GLY B 49 23.51 -51.18 17.17
C GLY B 49 24.70 -50.35 16.72
N GLU B 50 24.75 -49.92 15.47
CA GLU B 50 25.87 -49.12 14.98
C GLU B 50 25.45 -47.65 14.87
N THR B 51 26.21 -46.78 15.50
CA THR B 51 25.93 -45.35 15.46
C THR B 51 26.35 -44.79 14.11
N CYS B 52 25.51 -43.95 13.53
CA CYS B 52 25.86 -43.33 12.27
C CYS B 52 25.25 -41.94 12.15
N LEU B 53 25.84 -41.17 11.24
CA LEU B 53 25.43 -39.79 10.96
C LEU B 53 24.69 -39.77 9.63
N LEU B 54 23.42 -39.37 9.66
CA LEU B 54 22.62 -39.22 8.45
C LEU B 54 22.77 -37.80 7.93
N ASP B 55 23.22 -37.68 6.71
CA ASP B 55 23.26 -36.43 5.97
C ASP B 55 22.15 -36.48 4.93
N ILE B 56 21.08 -35.73 5.12
CA ILE B 56 19.86 -35.89 4.32
C ILE B 56 19.64 -34.65 3.47
N LEU B 57 19.55 -34.87 2.15
CA LEU B 57 19.20 -33.81 1.21
C LEU B 57 17.75 -33.98 0.78
N ASP B 58 16.95 -32.94 1.01
CA ASP B 58 15.54 -32.93 0.65
C ASP B 58 15.38 -32.05 -0.60
N THR B 59 14.98 -32.66 -1.71
CA THR B 59 15.05 -32.02 -3.02
C THR B 59 13.69 -31.48 -3.45
N ALA B 60 13.74 -30.68 -4.52
CA ALA B 60 12.56 -30.06 -5.09
C ALA B 60 11.88 -31.04 -6.05
N GLY B 61 10.58 -31.22 -5.86
CA GLY B 61 9.81 -32.05 -6.77
C GLY B 61 9.27 -31.33 -7.99
N LEU B 62 9.32 -29.99 -8.01
CA LEU B 62 8.83 -29.20 -9.13
C LEU B 62 9.43 -29.68 -10.45
N GLU B 63 8.54 -30.02 -11.40
CA GLU B 63 8.97 -30.66 -12.64
C GLU B 63 9.80 -29.75 -13.54
N GLU B 64 9.69 -28.43 -13.38
CA GLU B 64 10.34 -27.50 -14.32
C GLU B 64 11.86 -27.62 -14.30
N TYR B 65 12.46 -28.08 -13.20
CA TYR B 65 13.91 -28.12 -13.08
C TYR B 65 14.46 -29.55 -13.10
N SER B 66 13.80 -30.43 -13.88
CA SER B 66 14.24 -31.82 -14.00
C SER B 66 15.65 -31.94 -14.55
N ALA B 67 16.16 -30.88 -15.17
CA ALA B 67 17.50 -30.91 -15.73
C ALA B 67 18.60 -30.61 -14.72
N MET B 68 18.25 -30.13 -13.53
CA MET B 68 19.23 -29.63 -12.55
C MET B 68 19.58 -30.67 -11.48
N ARG B 69 19.28 -31.94 -11.71
CA ARG B 69 19.41 -32.95 -10.67
C ARG B 69 20.73 -33.70 -10.70
N ASP B 70 21.50 -33.58 -11.79
CA ASP B 70 22.66 -34.44 -11.97
C ASP B 70 23.67 -34.29 -10.84
N GLN B 71 23.87 -33.07 -10.34
CA GLN B 71 24.96 -32.87 -9.39
C GLN B 71 24.65 -33.50 -8.04
N TYR B 72 23.42 -33.32 -7.53
CA TYR B 72 23.12 -33.95 -6.24
C TYR B 72 23.01 -35.47 -6.38
N MET B 73 22.64 -35.96 -7.57
CA MET B 73 22.66 -37.41 -7.75
C MET B 73 24.08 -37.97 -7.72
N ARG B 74 25.05 -37.23 -8.26
CA ARG B 74 26.43 -37.67 -8.25
C ARG B 74 26.97 -37.77 -6.83
N THR B 75 26.68 -36.78 -5.98
CA THR B 75 27.25 -36.77 -4.64
C THR B 75 26.48 -37.67 -3.67
N GLY B 76 25.20 -37.95 -3.95
CA GLY B 76 24.42 -38.78 -3.04
C GLY B 76 24.84 -40.23 -3.09
N GLU B 77 24.72 -40.91 -1.94
CA GLU B 77 25.11 -42.32 -1.82
C GLU B 77 23.93 -43.28 -1.80
N GLY B 78 22.74 -42.81 -1.44
CA GLY B 78 21.55 -43.63 -1.43
C GLY B 78 20.34 -42.76 -1.57
N PHE B 79 19.28 -43.29 -2.16
CA PHE B 79 18.15 -42.49 -2.60
C PHE B 79 16.82 -43.05 -2.12
N LEU B 80 15.99 -42.19 -1.55
CA LEU B 80 14.61 -42.49 -1.22
C LEU B 80 13.72 -41.96 -2.35
N CYS B 81 13.12 -42.86 -3.11
CA CYS B 81 12.27 -42.46 -4.24
C CYS B 81 10.82 -42.53 -3.81
N VAL B 82 10.20 -41.37 -3.64
CA VAL B 82 8.92 -41.26 -2.97
C VAL B 82 7.83 -40.99 -3.99
N PHE B 83 6.77 -41.79 -3.94
CA PHE B 83 5.53 -41.47 -4.60
C PHE B 83 4.43 -41.43 -3.55
N ALA B 84 3.29 -40.87 -3.92
CA ALA B 84 2.12 -40.88 -3.07
C ALA B 84 1.12 -41.90 -3.61
N ILE B 85 0.38 -42.55 -2.70
CA ILE B 85 -0.54 -43.60 -3.12
C ILE B 85 -1.85 -43.07 -3.67
N ASN B 86 -2.13 -41.77 -3.50
CA ASN B 86 -3.29 -41.14 -4.12
C ASN B 86 -2.89 -40.27 -5.32
N ASN B 87 -1.74 -40.57 -5.95
CA ASN B 87 -1.20 -39.80 -7.07
C ASN B 87 -0.55 -40.79 -8.03
N SER B 88 -1.32 -41.23 -9.04
CA SER B 88 -0.81 -42.23 -9.98
C SER B 88 0.33 -41.67 -10.84
N LYS B 89 0.26 -40.38 -11.17
CA LYS B 89 1.35 -39.76 -11.91
C LYS B 89 2.67 -39.88 -11.17
N SER B 90 2.66 -39.61 -9.85
CA SER B 90 3.89 -39.69 -9.08
C SER B 90 4.47 -41.09 -9.07
N PHE B 91 3.62 -42.12 -9.08
CA PHE B 91 4.14 -43.48 -9.17
C PHE B 91 4.78 -43.72 -10.54
N ALA B 92 4.15 -43.21 -11.61
CA ALA B 92 4.76 -43.31 -12.94
C ALA B 92 6.08 -42.56 -13.00
N ASP B 93 6.18 -41.43 -12.28
CA ASP B 93 7.39 -40.62 -12.31
C ASP B 93 8.58 -41.35 -11.69
N ILE B 94 8.35 -42.36 -10.85
CA ILE B 94 9.45 -43.07 -10.20
C ILE B 94 10.46 -43.57 -11.23
N ASN B 95 9.97 -44.06 -12.37
CA ASN B 95 10.87 -44.64 -13.37
C ASN B 95 11.84 -43.60 -13.92
N LEU B 96 11.35 -42.39 -14.19
CA LEU B 96 12.24 -41.30 -14.62
C LEU B 96 13.37 -41.07 -13.62
N TYR B 97 13.05 -41.11 -12.33
CA TYR B 97 14.07 -40.88 -11.31
C TYR B 97 15.09 -42.02 -11.27
N ARG B 98 14.61 -43.27 -11.22
CA ARG B 98 15.54 -44.39 -11.17
C ARG B 98 16.47 -44.37 -12.37
N GLU B 99 15.97 -43.97 -13.54
CA GLU B 99 16.80 -43.98 -14.74
C GLU B 99 17.80 -42.83 -14.73
N GLN B 100 17.36 -41.65 -14.28
CA GLN B 100 18.29 -40.54 -14.14
C GLN B 100 19.40 -40.89 -13.16
N ILE B 101 19.04 -41.50 -12.02
CA ILE B 101 20.04 -41.89 -11.04
C ILE B 101 20.98 -42.94 -11.62
N LYS B 102 20.43 -43.95 -12.31
CA LYS B 102 21.25 -44.98 -12.91
C LYS B 102 22.23 -44.39 -13.91
N ARG B 103 21.77 -43.42 -14.71
CA ARG B 103 22.62 -42.83 -15.75
C ARG B 103 23.71 -41.97 -15.14
N VAL B 104 23.35 -41.11 -14.18
CA VAL B 104 24.32 -40.18 -13.62
C VAL B 104 25.41 -40.92 -12.87
N LYS B 105 25.03 -41.87 -12.02
CA LYS B 105 26.03 -42.60 -11.23
C LYS B 105 26.65 -43.76 -11.99
N ASP B 106 26.10 -44.12 -13.16
CA ASP B 106 26.65 -45.16 -14.03
C ASP B 106 26.79 -46.49 -13.28
N SER B 107 25.63 -47.00 -12.85
CA SER B 107 25.57 -48.23 -12.07
C SER B 107 24.11 -48.65 -11.94
N ASP B 108 23.86 -49.95 -12.04
CA ASP B 108 22.54 -50.51 -11.80
C ASP B 108 22.40 -51.06 -10.39
N ASP B 109 23.36 -50.76 -9.51
CA ASP B 109 23.38 -51.23 -8.13
C ASP B 109 23.51 -50.05 -7.17
N VAL B 110 22.71 -49.01 -7.40
CA VAL B 110 22.74 -47.82 -6.55
C VAL B 110 21.76 -48.03 -5.40
N PRO B 111 22.17 -47.87 -4.15
CA PRO B 111 21.26 -48.11 -3.02
C PRO B 111 20.03 -47.22 -3.10
N MET B 112 18.86 -47.86 -3.16
CA MET B 112 17.61 -47.14 -3.24
C MET B 112 16.57 -47.84 -2.38
N VAL B 113 15.49 -47.10 -2.11
CA VAL B 113 14.31 -47.60 -1.44
C VAL B 113 13.09 -46.95 -2.08
N LEU B 114 12.12 -47.76 -2.51
CA LEU B 114 10.87 -47.22 -2.98
C LEU B 114 9.94 -46.96 -1.80
N VAL B 115 9.27 -45.81 -1.82
CA VAL B 115 8.50 -45.35 -0.67
C VAL B 115 7.14 -44.87 -1.13
N GLY B 116 6.08 -45.56 -0.70
CA GLY B 116 4.73 -45.09 -0.92
C GLY B 116 4.19 -44.35 0.28
N ASN B 117 3.97 -43.06 0.14
CA ASN B 117 3.57 -42.20 1.25
C ASN B 117 2.06 -41.93 1.21
N LYS B 118 1.58 -41.32 2.30
CA LYS B 118 0.17 -40.93 2.46
C LYS B 118 -0.72 -42.17 2.61
N CYS B 119 -0.25 -43.17 3.34
CA CYS B 119 -1.03 -44.39 3.54
C CYS B 119 -2.16 -44.20 4.53
N ASP B 120 -2.19 -43.08 5.26
CA ASP B 120 -3.30 -42.77 6.15
C ASP B 120 -4.57 -42.43 5.38
N LEU B 121 -4.47 -42.16 4.08
CA LEU B 121 -5.58 -41.54 3.37
C LEU B 121 -6.71 -42.54 3.15
N PRO B 122 -7.96 -42.09 3.26
CA PRO B 122 -9.09 -43.02 3.15
C PRO B 122 -9.24 -43.60 1.76
N THR B 123 -8.78 -42.89 0.74
CA THR B 123 -8.84 -43.32 -0.64
C THR B 123 -7.45 -43.73 -1.11
N ARG B 124 -7.37 -44.08 -2.39
CA ARG B 124 -6.17 -44.66 -2.97
C ARG B 124 -6.36 -44.73 -4.48
N THR B 125 -5.30 -44.45 -5.23
CA THR B 125 -5.32 -44.63 -6.69
C THR B 125 -4.18 -45.49 -7.20
N VAL B 126 -3.21 -45.85 -6.37
CA VAL B 126 -2.09 -46.69 -6.77
C VAL B 126 -2.26 -48.06 -6.12
N ASP B 127 -2.23 -49.10 -6.94
CA ASP B 127 -2.32 -50.45 -6.41
C ASP B 127 -1.01 -50.80 -5.70
N THR B 128 -1.12 -51.21 -4.43
CA THR B 128 0.06 -51.55 -3.65
C THR B 128 0.85 -52.69 -4.29
N LYS B 129 0.19 -53.56 -5.06
CA LYS B 129 0.85 -54.76 -5.57
C LYS B 129 1.86 -54.45 -6.67
N GLN B 130 1.53 -53.52 -7.57
CA GLN B 130 2.46 -53.19 -8.64
C GLN B 130 3.68 -52.42 -8.13
N ALA B 131 3.55 -51.72 -7.00
CA ALA B 131 4.72 -51.13 -6.36
C ALA B 131 5.70 -52.23 -5.91
N HIS B 132 5.16 -53.35 -5.40
CA HIS B 132 6.01 -54.47 -5.01
C HIS B 132 6.74 -55.06 -6.21
N GLU B 133 6.05 -55.18 -7.35
CA GLU B 133 6.71 -55.70 -8.54
C GLU B 133 7.75 -54.71 -9.06
N LEU B 134 7.40 -53.43 -9.07
CA LEU B 134 8.35 -52.40 -9.50
C LEU B 134 9.63 -52.46 -8.68
N ALA B 135 9.49 -52.50 -7.35
CA ALA B 135 10.67 -52.57 -6.49
C ALA B 135 11.43 -53.88 -6.72
N LYS B 136 10.69 -54.97 -6.94
CA LYS B 136 11.33 -56.25 -7.24
C LYS B 136 12.12 -56.18 -8.53
N SER B 137 11.60 -55.47 -9.53
CA SER B 137 12.30 -55.34 -10.80
C SER B 137 13.62 -54.59 -10.64
N TYR B 138 13.69 -53.65 -9.71
CA TYR B 138 14.93 -52.90 -9.49
C TYR B 138 15.90 -53.63 -8.57
N GLY B 139 15.41 -54.51 -7.71
CA GLY B 139 16.27 -55.12 -6.72
C GLY B 139 16.39 -54.30 -5.46
N ILE B 140 15.33 -53.60 -5.08
CA ILE B 140 15.35 -52.65 -3.96
C ILE B 140 14.15 -52.92 -3.07
N PRO B 141 14.23 -52.52 -1.81
CA PRO B 141 13.07 -52.65 -0.91
C PRO B 141 11.96 -51.70 -1.29
N PHE B 142 10.77 -51.96 -0.72
CA PHE B 142 9.62 -51.08 -0.84
C PHE B 142 8.98 -50.95 0.52
N ILE B 143 8.68 -49.71 0.94
CA ILE B 143 8.16 -49.43 2.26
C ILE B 143 6.97 -48.50 2.12
N GLU B 144 5.85 -48.85 2.77
CA GLU B 144 4.72 -47.96 2.88
C GLU B 144 4.90 -47.06 4.10
N THR B 145 4.53 -45.80 3.95
CA THR B 145 4.77 -44.81 4.99
C THR B 145 3.58 -43.88 5.06
N SER B 146 3.50 -43.16 6.18
CA SER B 146 2.58 -42.04 6.33
C SER B 146 3.26 -41.01 7.20
N ALA B 147 3.55 -39.83 6.62
CA ALA B 147 4.17 -38.77 7.41
C ALA B 147 3.21 -38.15 8.41
N LYS B 148 1.89 -38.27 8.18
CA LYS B 148 0.92 -37.67 9.08
C LYS B 148 0.85 -38.41 10.42
N THR B 149 1.00 -39.73 10.39
CA THR B 149 0.94 -40.57 11.58
C THR B 149 2.30 -41.12 11.98
N ARG B 150 3.36 -40.82 11.22
CA ARG B 150 4.73 -41.26 11.42
C ARG B 150 4.93 -42.76 11.16
N GLN B 151 3.94 -43.44 10.59
CA GLN B 151 4.06 -44.86 10.30
C GLN B 151 5.13 -45.08 9.23
N GLY B 152 6.12 -45.92 9.53
CA GLY B 152 7.13 -46.32 8.57
C GLY B 152 8.24 -45.30 8.31
N VAL B 153 8.17 -44.10 8.89
CA VAL B 153 9.16 -43.06 8.58
C VAL B 153 10.56 -43.55 8.91
N GLU B 154 10.79 -43.95 10.17
CA GLU B 154 12.11 -44.43 10.56
C GLU B 154 12.48 -45.67 9.75
N ASP B 155 11.51 -46.54 9.48
CA ASP B 155 11.74 -47.75 8.71
C ASP B 155 12.32 -47.41 7.34
N ALA B 156 11.75 -46.42 6.67
CA ALA B 156 12.18 -46.09 5.31
C ALA B 156 13.63 -45.59 5.29
N PHE B 157 13.96 -44.64 6.16
CA PHE B 157 15.31 -44.11 6.19
C PHE B 157 16.32 -45.16 6.66
N TYR B 158 16.00 -45.88 7.74
CA TYR B 158 16.91 -46.90 8.25
C TYR B 158 17.11 -48.04 7.25
N THR B 159 16.05 -48.40 6.50
CA THR B 159 16.21 -49.39 5.44
C THR B 159 17.20 -48.91 4.38
N LEU B 160 17.07 -47.65 3.94
CA LEU B 160 18.03 -47.13 2.99
C LEU B 160 19.45 -47.23 3.54
N VAL B 161 19.63 -46.94 4.82
CA VAL B 161 20.97 -47.07 5.41
C VAL B 161 21.47 -48.51 5.31
N ARG B 162 20.59 -49.47 5.60
CA ARG B 162 21.03 -50.86 5.53
C ARG B 162 21.42 -51.25 4.11
N GLU B 163 20.79 -50.67 3.09
CA GLU B 163 21.20 -50.94 1.71
C GLU B 163 22.60 -50.41 1.44
N ILE B 164 22.91 -49.20 1.92
CA ILE B 164 24.23 -48.64 1.69
C ILE B 164 25.30 -49.51 2.35
N ARG B 165 24.98 -50.14 3.47
CA ARG B 165 25.98 -50.91 4.21
C ARG B 165 26.44 -52.14 3.42
N GLN B 166 25.49 -52.89 2.84
CA GLN B 166 25.88 -54.05 2.04
C GLN B 166 26.71 -53.65 0.84
N TYR B 167 26.36 -52.55 0.19
CA TYR B 167 27.08 -52.13 -1.01
C TYR B 167 28.56 -51.88 -0.73
N ARG B 168 28.90 -51.48 0.49
CA ARG B 168 30.28 -51.15 0.84
C ARG B 168 31.09 -52.37 1.27
N MET B 169 30.44 -53.42 1.78
CA MET B 169 31.10 -54.68 2.10
C MET B 169 31.14 -55.61 0.89
N LYS B 170 30.06 -55.67 0.14
CA LYS B 170 29.94 -56.48 -1.06
C LYS B 170 30.79 -55.88 -2.18
N VAL C 3 -3.72 5.14 -17.36
CA VAL C 3 -2.45 5.64 -16.86
C VAL C 3 -1.92 4.78 -15.69
N ASN C 4 -0.66 4.38 -15.81
CA ASN C 4 -0.08 3.37 -14.92
C ASN C 4 0.26 3.99 -13.56
N PRO C 5 -0.21 3.39 -12.47
CA PRO C 5 0.14 3.90 -11.14
C PRO C 5 1.58 3.52 -10.77
N THR C 6 2.12 4.27 -9.81
CA THR C 6 3.44 4.02 -9.23
C THR C 6 3.27 3.79 -7.73
N VAL C 7 3.87 2.73 -7.20
CA VAL C 7 3.83 2.45 -5.78
C VAL C 7 5.27 2.30 -5.28
N PHE C 8 5.42 2.32 -3.96
CA PHE C 8 6.75 2.31 -3.38
C PHE C 8 6.77 1.39 -2.17
N PHE C 9 7.94 0.81 -1.91
CA PHE C 9 8.25 0.06 -0.70
C PHE C 9 9.40 0.76 0.00
N ASP C 10 9.28 0.98 1.31
CA ASP C 10 10.42 1.39 2.13
C ASP C 10 10.95 0.14 2.83
N ILE C 11 12.16 -0.28 2.47
CA ILE C 11 12.71 -1.58 2.86
C ILE C 11 13.57 -1.40 4.10
N ALA C 12 13.46 -2.32 5.04
CA ALA C 12 14.26 -2.26 6.27
C ALA C 12 14.98 -3.58 6.50
N VAL C 13 16.11 -3.48 7.19
CA VAL C 13 16.97 -4.62 7.47
C VAL C 13 17.12 -4.68 8.98
N ASP C 14 16.54 -5.72 9.60
CA ASP C 14 16.45 -5.83 11.06
C ASP C 14 15.94 -4.51 11.66
N GLY C 15 14.95 -3.91 11.00
CA GLY C 15 14.33 -2.69 11.48
C GLY C 15 15.02 -1.41 11.05
N GLU C 16 16.25 -1.48 10.54
CA GLU C 16 16.94 -0.24 10.13
C GLU C 16 16.65 0.05 8.66
N PRO C 17 16.26 1.27 8.33
CA PRO C 17 15.97 1.61 6.93
C PRO C 17 17.11 1.26 6.00
N LEU C 18 16.77 0.62 4.89
CA LEU C 18 17.72 0.42 3.80
C LEU C 18 17.47 1.40 2.67
N GLY C 19 16.25 1.45 2.14
CA GLY C 19 15.95 2.43 1.11
C GLY C 19 14.57 2.22 0.54
N ARG C 20 14.26 3.00 -0.49
CA ARG C 20 12.96 2.98 -1.14
C ARG C 20 13.06 2.40 -2.53
N VAL C 21 12.16 1.47 -2.86
CA VAL C 21 11.99 0.93 -4.19
C VAL C 21 10.61 1.36 -4.67
N SER C 22 10.54 1.94 -5.85
CA SER C 22 9.26 2.26 -6.47
C SER C 22 9.08 1.39 -7.70
N PHE C 23 7.81 1.14 -8.06
CA PHE C 23 7.43 0.27 -9.15
C PHE C 23 6.41 0.97 -10.03
N GLU C 24 6.61 0.89 -11.34
CA GLU C 24 5.53 1.15 -12.29
C GLU C 24 4.71 -0.13 -12.43
N LEU C 25 3.39 0.00 -12.32
CA LEU C 25 2.46 -1.12 -12.45
C LEU C 25 1.73 -1.00 -13.78
N PHE C 26 1.79 -2.05 -14.60
CA PHE C 26 1.31 -1.97 -15.99
C PHE C 26 -0.19 -2.26 -16.04
N ALA C 27 -0.96 -1.31 -15.48
CA ALA C 27 -2.42 -1.42 -15.53
C ALA C 27 -2.93 -1.40 -16.96
N ASP C 28 -2.17 -0.79 -17.88
CA ASP C 28 -2.60 -0.73 -19.28
C ASP C 28 -2.53 -2.08 -19.99
N LYS C 29 -1.98 -3.12 -19.36
CA LYS C 29 -1.87 -4.43 -19.98
C LYS C 29 -2.38 -5.52 -19.05
N VAL C 30 -2.26 -5.32 -17.74
CA VAL C 30 -2.78 -6.26 -16.74
C VAL C 30 -3.49 -5.48 -15.65
N PRO C 31 -4.68 -4.91 -15.94
CA PRO C 31 -5.32 -4.01 -14.94
C PRO C 31 -5.76 -4.74 -13.68
N LYS C 32 -6.23 -5.97 -13.78
CA LYS C 32 -6.69 -6.68 -12.59
C LYS C 32 -5.52 -7.01 -11.64
N THR C 33 -4.42 -7.50 -12.20
CA THR C 33 -3.26 -7.84 -11.38
C THR C 33 -2.59 -6.59 -10.82
N ALA C 34 -2.48 -5.53 -11.63
CA ALA C 34 -1.89 -4.29 -11.17
C ALA C 34 -2.70 -3.66 -10.05
N GLU C 35 -4.04 -3.72 -10.16
CA GLU C 35 -4.88 -3.13 -9.11
C GLU C 35 -4.77 -3.89 -7.80
N ASN C 36 -4.66 -5.21 -7.85
CA ASN C 36 -4.43 -5.99 -6.65
C ASN C 36 -3.18 -5.52 -5.92
N PHE C 37 -2.05 -5.45 -6.63
CA PHE C 37 -0.81 -5.00 -6.02
C PHE C 37 -0.93 -3.56 -5.53
N ARG C 38 -1.62 -2.71 -6.31
CA ARG C 38 -1.76 -1.31 -5.93
C ARG C 38 -2.48 -1.20 -4.58
N ALA C 39 -3.60 -1.91 -4.45
CA ALA C 39 -4.42 -1.79 -3.25
C ALA C 39 -3.74 -2.45 -2.05
N LEU C 40 -3.03 -3.55 -2.27
CA LEU C 40 -2.27 -4.15 -1.17
C LEU C 40 -1.11 -3.25 -0.73
N SER C 41 -0.59 -2.40 -1.63
CA SER C 41 0.46 -1.46 -1.29
C SER C 41 -0.06 -0.26 -0.50
N THR C 42 -1.26 0.24 -0.81
CA THR C 42 -1.83 1.35 -0.04
C THR C 42 -2.44 0.88 1.28
N GLY C 43 -2.89 -0.37 1.35
CA GLY C 43 -3.54 -0.86 2.55
C GLY C 43 -5.00 -0.48 2.66
N GLU C 44 -5.58 0.08 1.60
CA GLU C 44 -6.90 0.70 1.66
C GLU C 44 -8.04 -0.30 1.86
N LYS C 45 -7.79 -1.60 1.68
CA LYS C 45 -8.80 -2.62 1.99
C LYS C 45 -8.70 -3.12 3.43
N GLY C 46 -7.78 -2.58 4.23
CA GLY C 46 -7.60 -3.03 5.60
C GLY C 46 -6.59 -4.13 5.79
N PHE C 47 -5.88 -4.53 4.73
CA PHE C 47 -4.76 -5.46 4.83
C PHE C 47 -3.83 -5.17 3.66
N GLY C 48 -2.61 -5.68 3.74
CA GLY C 48 -1.67 -5.42 2.66
C GLY C 48 -0.23 -5.73 3.05
N TYR C 49 0.68 -5.14 2.29
CA TYR C 49 2.08 -5.52 2.38
C TYR C 49 2.81 -4.88 3.55
N LYS C 50 2.27 -3.81 4.14
CA LYS C 50 3.00 -3.09 5.18
C LYS C 50 3.35 -4.04 6.31
N GLY C 51 4.63 -4.07 6.67
CA GLY C 51 5.09 -4.88 7.76
C GLY C 51 5.42 -6.32 7.42
N SER C 52 5.19 -6.78 6.18
CA SER C 52 5.55 -8.14 5.81
C SER C 52 7.01 -8.21 5.36
N CYS C 53 7.49 -9.43 5.15
CA CYS C 53 8.91 -9.62 4.88
C CYS C 53 9.15 -10.27 3.53
N PHE C 54 10.40 -10.13 3.05
CA PHE C 54 10.88 -10.88 1.91
C PHE C 54 11.44 -12.18 2.45
N HIS C 55 10.69 -13.27 2.24
CA HIS C 55 11.03 -14.53 2.90
C HIS C 55 11.99 -15.37 2.10
N ARG C 56 12.18 -15.07 0.82
CA ARG C 56 13.07 -15.84 -0.03
C ARG C 56 13.88 -14.89 -0.91
N ILE C 57 15.19 -14.90 -0.75
CA ILE C 57 16.09 -14.10 -1.58
C ILE C 57 17.20 -15.02 -2.08
N ILE C 58 17.26 -15.20 -3.40
CA ILE C 58 18.26 -16.06 -4.01
C ILE C 58 19.14 -15.22 -4.92
N PRO C 59 20.37 -14.92 -4.52
CA PRO C 59 21.26 -14.10 -5.37
C PRO C 59 21.42 -14.70 -6.76
N GLY C 60 21.41 -13.82 -7.77
CA GLY C 60 21.41 -14.23 -9.15
C GLY C 60 20.03 -14.40 -9.74
N PHE C 61 18.97 -14.36 -8.92
CA PHE C 61 17.64 -14.66 -9.47
C PHE C 61 16.54 -13.70 -9.03
N MET C 62 16.17 -13.68 -7.75
CA MET C 62 15.01 -12.85 -7.39
C MET C 62 14.92 -12.68 -5.89
N CYS C 63 14.15 -11.68 -5.48
CA CYS C 63 13.68 -11.48 -4.12
C CYS C 63 12.18 -11.72 -4.08
N GLN C 64 11.72 -12.60 -3.19
CA GLN C 64 10.30 -12.95 -3.16
C GLN C 64 9.68 -12.59 -1.82
N GLY C 65 8.47 -12.02 -1.87
CA GLY C 65 7.75 -11.62 -0.68
C GLY C 65 6.24 -11.63 -0.82
N GLY C 66 5.55 -10.97 0.11
CA GLY C 66 4.14 -10.73 -0.02
C GLY C 66 3.24 -11.60 0.82
N ASP C 67 3.77 -12.49 1.66
CA ASP C 67 2.92 -13.31 2.53
C ASP C 67 2.62 -12.53 3.81
N PHE C 68 1.48 -11.85 3.86
CA PHE C 68 1.13 -11.05 5.02
C PHE C 68 0.02 -11.69 5.86
N THR C 69 -0.32 -12.94 5.59
CA THR C 69 -1.34 -13.64 6.38
C THR C 69 -0.75 -14.73 7.26
N ARG C 70 0.27 -15.46 6.80
CA ARG C 70 0.92 -16.45 7.64
C ARG C 70 2.37 -16.11 8.00
N HIS C 71 2.97 -15.16 7.28
CA HIS C 71 4.35 -14.70 7.55
C HIS C 71 5.34 -15.86 7.58
N ASN C 72 5.17 -16.82 6.66
CA ASN C 72 6.11 -17.92 6.59
C ASN C 72 6.32 -18.45 5.16
N GLY C 73 5.91 -17.71 4.13
CA GLY C 73 6.15 -18.15 2.76
C GLY C 73 5.06 -18.99 2.13
N THR C 74 4.02 -19.37 2.87
CA THR C 74 2.95 -20.21 2.34
C THR C 74 1.61 -19.49 2.18
N GLY C 75 1.47 -18.27 2.69
CA GLY C 75 0.19 -17.59 2.71
C GLY C 75 0.05 -16.38 1.80
N GLY C 76 -0.83 -15.46 2.19
CA GLY C 76 -1.21 -14.29 1.43
C GLY C 76 -2.59 -14.45 0.78
N LYS C 77 -3.16 -13.30 0.37
CA LYS C 77 -4.47 -13.29 -0.29
C LYS C 77 -4.64 -12.01 -1.11
N SER C 78 -5.52 -12.08 -2.12
CA SER C 78 -5.75 -10.94 -3.00
C SER C 78 -6.91 -10.08 -2.48
N ILE C 79 -7.14 -8.96 -3.15
CA ILE C 79 -8.29 -8.10 -2.85
C ILE C 79 -9.56 -8.68 -3.46
N TYR C 80 -9.42 -9.77 -4.22
CA TYR C 80 -10.54 -10.43 -4.90
C TYR C 80 -10.98 -11.72 -4.24
N GLY C 81 -10.41 -12.06 -3.10
CA GLY C 81 -10.56 -13.37 -2.49
C GLY C 81 -9.19 -13.99 -2.29
N GLU C 82 -9.20 -15.26 -1.90
CA GLU C 82 -7.92 -15.90 -1.60
C GLU C 82 -7.06 -16.01 -2.85
N LYS C 83 -7.65 -16.34 -4.00
CA LYS C 83 -6.89 -16.51 -5.23
C LYS C 83 -7.61 -15.83 -6.38
N PHE C 84 -6.87 -15.58 -7.46
CA PHE C 84 -7.50 -15.20 -8.71
C PHE C 84 -6.69 -15.74 -9.88
N GLU C 85 -7.24 -15.56 -11.07
CA GLU C 85 -6.73 -16.25 -12.24
C GLU C 85 -5.55 -15.49 -12.84
N ASP C 86 -4.78 -16.20 -13.65
CA ASP C 86 -3.73 -15.60 -14.46
C ASP C 86 -4.37 -14.69 -15.49
N GLU C 87 -4.13 -13.37 -15.36
CA GLU C 87 -4.84 -12.41 -16.20
C GLU C 87 -4.46 -12.55 -17.67
N ASN C 88 -3.17 -12.54 -17.96
CA ASN C 88 -2.62 -12.83 -19.27
C ASN C 88 -1.10 -12.97 -19.12
N PHE C 89 -0.46 -13.36 -20.20
CA PHE C 89 1.00 -13.45 -20.26
C PHE C 89 1.56 -12.56 -21.35
N ILE C 90 1.01 -11.34 -21.47
CA ILE C 90 1.54 -10.39 -22.46
C ILE C 90 3.00 -10.06 -22.16
N LEU C 91 3.30 -9.74 -20.90
CA LEU C 91 4.63 -9.28 -20.50
C LEU C 91 5.53 -10.45 -20.09
N LYS C 92 6.83 -10.30 -20.36
CA LYS C 92 7.77 -11.38 -20.16
C LYS C 92 8.79 -10.99 -19.09
N HIS C 93 9.53 -11.98 -18.59
CA HIS C 93 10.57 -11.77 -17.59
C HIS C 93 11.85 -11.45 -18.34
N THR C 94 12.03 -10.17 -18.64
CA THR C 94 13.05 -9.76 -19.60
C THR C 94 14.36 -9.36 -18.97
N GLY C 95 14.41 -9.16 -17.65
CA GLY C 95 15.63 -8.72 -17.02
C GLY C 95 15.43 -8.27 -15.59
N PRO C 96 16.49 -7.75 -14.98
CA PRO C 96 16.40 -7.19 -13.62
C PRO C 96 15.29 -6.15 -13.52
N GLY C 97 14.61 -6.14 -12.37
CA GLY C 97 13.60 -5.15 -12.09
C GLY C 97 12.18 -5.60 -12.39
N ILE C 98 12.01 -6.70 -13.11
CA ILE C 98 10.68 -7.21 -13.44
C ILE C 98 9.96 -7.62 -12.17
N LEU C 99 8.70 -7.22 -12.07
CA LEU C 99 7.84 -7.57 -10.93
C LEU C 99 6.75 -8.53 -11.42
N SER C 100 6.61 -9.66 -10.74
CA SER C 100 5.81 -10.76 -11.27
C SER C 100 5.16 -11.50 -10.11
N MET C 101 4.09 -12.24 -10.40
CA MET C 101 3.32 -12.91 -9.36
C MET C 101 3.90 -14.29 -9.06
N ALA C 102 4.14 -14.55 -7.78
CA ALA C 102 4.41 -15.93 -7.39
C ALA C 102 3.09 -16.68 -7.33
N ASN C 103 3.17 -18.00 -7.44
CA ASN C 103 1.95 -18.80 -7.47
C ASN C 103 2.25 -20.27 -7.16
N ALA C 104 1.17 -21.02 -6.97
CA ALA C 104 1.23 -22.44 -6.66
C ALA C 104 0.74 -23.27 -7.85
N GLY C 105 0.93 -22.76 -9.06
CA GLY C 105 0.41 -23.36 -10.26
C GLY C 105 -0.58 -22.45 -10.95
N PRO C 106 -1.19 -22.94 -12.03
CA PRO C 106 -2.12 -22.10 -12.81
C PRO C 106 -3.26 -21.54 -11.98
N ASN C 107 -3.53 -20.24 -12.17
CA ASN C 107 -4.68 -19.52 -11.59
C ASN C 107 -4.72 -19.58 -10.06
N THR C 108 -3.57 -19.39 -9.42
CA THR C 108 -3.49 -19.38 -7.96
C THR C 108 -2.78 -18.13 -7.45
N ASN C 109 -3.00 -16.99 -8.09
CA ASN C 109 -2.39 -15.75 -7.62
C ASN C 109 -3.07 -15.28 -6.35
N GLY C 110 -2.27 -14.82 -5.39
CA GLY C 110 -2.84 -14.20 -4.20
C GLY C 110 -2.18 -12.87 -3.94
N SER C 111 -1.20 -12.85 -3.04
CA SER C 111 -0.42 -11.64 -2.82
C SER C 111 1.08 -11.82 -2.99
N GLN C 112 1.60 -13.04 -2.96
CA GLN C 112 3.05 -13.18 -3.09
C GLN C 112 3.53 -12.77 -4.48
N PHE C 113 4.72 -12.18 -4.52
CA PHE C 113 5.25 -11.58 -5.74
C PHE C 113 6.76 -11.78 -5.69
N PHE C 114 7.42 -11.57 -6.84
CA PHE C 114 8.87 -11.55 -6.80
C PHE C 114 9.43 -10.42 -7.66
N ILE C 115 10.62 -9.95 -7.28
CA ILE C 115 11.34 -8.92 -8.03
C ILE C 115 12.56 -9.60 -8.63
N CYS C 116 12.66 -9.59 -9.94
CA CYS C 116 13.78 -10.29 -10.58
C CYS C 116 15.06 -9.47 -10.42
N THR C 117 16.16 -10.15 -10.15
CA THR C 117 17.46 -9.47 -10.19
C THR C 117 18.27 -9.86 -11.43
N ALA C 118 17.64 -10.59 -12.34
CA ALA C 118 18.25 -11.02 -13.59
C ALA C 118 17.13 -11.44 -14.53
N LYS C 119 17.50 -11.74 -15.76
CA LYS C 119 16.54 -12.27 -16.72
C LYS C 119 16.18 -13.69 -16.32
N THR C 120 14.88 -13.97 -16.15
CA THR C 120 14.40 -15.30 -15.78
C THR C 120 13.35 -15.77 -16.77
N GLU C 121 13.77 -15.99 -18.02
CA GLU C 121 12.85 -16.21 -19.13
C GLU C 121 12.10 -17.54 -19.05
N TRP C 122 12.62 -18.53 -18.31
CA TRP C 122 11.91 -19.80 -18.18
C TRP C 122 10.64 -19.69 -17.36
N LEU C 123 10.42 -18.54 -16.71
CA LEU C 123 9.17 -18.30 -16.02
C LEU C 123 8.09 -17.74 -16.93
N ASP C 124 8.42 -17.35 -18.17
CA ASP C 124 7.41 -16.81 -19.06
C ASP C 124 6.28 -17.82 -19.26
N GLY C 125 5.05 -17.33 -19.20
CA GLY C 125 3.87 -18.16 -19.37
C GLY C 125 3.51 -18.98 -18.16
N LYS C 126 4.20 -18.79 -17.04
CA LYS C 126 3.91 -19.49 -15.80
C LYS C 126 3.66 -18.51 -14.65
N HIS C 127 4.14 -17.28 -14.77
CA HIS C 127 4.00 -16.23 -13.78
C HIS C 127 3.58 -14.97 -14.49
N VAL C 128 2.60 -14.28 -13.93
CA VAL C 128 2.05 -13.10 -14.58
C VAL C 128 2.94 -11.92 -14.23
N VAL C 129 3.61 -11.35 -15.24
CA VAL C 129 4.39 -10.12 -15.07
C VAL C 129 3.45 -8.93 -15.13
N PHE C 130 3.63 -7.98 -14.21
CA PHE C 130 2.71 -6.85 -14.13
C PHE C 130 3.35 -5.54 -13.70
N GLY C 131 4.68 -5.46 -13.53
CA GLY C 131 5.29 -4.24 -13.08
C GLY C 131 6.79 -4.28 -13.32
N LYS C 132 7.44 -3.18 -13.00
CA LYS C 132 8.89 -3.07 -13.14
C LYS C 132 9.40 -2.02 -12.18
N VAL C 133 10.58 -2.27 -11.61
CA VAL C 133 11.19 -1.29 -10.72
C VAL C 133 11.46 0.01 -11.47
N LYS C 134 11.01 1.11 -10.89
CA LYS C 134 11.27 2.46 -11.42
C LYS C 134 12.54 3.03 -10.80
N GLU C 135 12.48 3.38 -9.52
CA GLU C 135 13.62 3.86 -8.76
CA GLU C 135 13.63 3.86 -8.77
C GLU C 135 14.00 2.86 -7.69
N GLY C 136 15.27 2.90 -7.29
CA GLY C 136 15.73 2.06 -6.21
C GLY C 136 16.14 0.65 -6.58
N MET C 137 16.50 0.40 -7.85
CA MET C 137 17.04 -0.91 -8.18
C MET C 137 18.32 -1.19 -7.37
N ASN C 138 19.07 -0.15 -6.98
CA ASN C 138 20.24 -0.40 -6.15
C ASN C 138 19.85 -0.97 -4.79
N ILE C 139 18.65 -0.64 -4.31
CA ILE C 139 18.15 -1.24 -3.08
C ILE C 139 17.85 -2.73 -3.29
N VAL C 140 17.22 -3.09 -4.41
CA VAL C 140 16.99 -4.50 -4.70
C VAL C 140 18.31 -5.27 -4.80
N GLU C 141 19.32 -4.68 -5.44
CA GLU C 141 20.62 -5.36 -5.54
C GLU C 141 21.22 -5.55 -4.15
N ALA C 142 21.05 -4.55 -3.28
CA ALA C 142 21.59 -4.64 -1.93
C ALA C 142 20.89 -5.75 -1.14
N MET C 143 19.62 -6.03 -1.45
CA MET C 143 18.90 -7.06 -0.72
C MET C 143 19.50 -8.46 -0.94
N GLU C 144 20.20 -8.68 -2.07
CA GLU C 144 20.73 -10.02 -2.36
C GLU C 144 21.75 -10.49 -1.32
N ARG C 145 22.52 -9.56 -0.74
CA ARG C 145 23.54 -9.98 0.21
C ARG C 145 22.94 -10.66 1.43
N PHE C 146 21.64 -10.54 1.62
CA PHE C 146 20.98 -11.17 2.74
C PHE C 146 20.31 -12.47 2.35
N GLY C 147 20.48 -12.91 1.09
CA GLY C 147 19.93 -14.16 0.62
C GLY C 147 20.94 -15.30 0.70
N SER C 148 20.60 -16.39 0.01
CA SER C 148 21.43 -17.59 0.03
C SER C 148 20.95 -18.53 -1.08
N ARG C 149 21.63 -19.66 -1.22
CA ARG C 149 21.35 -20.58 -2.33
C ARG C 149 19.90 -21.05 -2.32
N ASN C 150 19.37 -21.41 -1.16
CA ASN C 150 17.99 -21.87 -1.10
C ASN C 150 17.01 -20.78 -0.70
N GLY C 151 17.45 -19.52 -0.58
CA GLY C 151 16.57 -18.40 -0.35
C GLY C 151 16.43 -17.97 1.09
N LYS C 152 16.82 -18.80 2.05
CA LYS C 152 16.74 -18.38 3.44
C LYS C 152 17.57 -17.12 3.66
N THR C 153 17.01 -16.17 4.40
CA THR C 153 17.62 -14.88 4.59
C THR C 153 18.37 -14.86 5.91
N SER C 154 19.48 -14.12 5.93
CA SER C 154 20.36 -14.04 7.09
C SER C 154 20.05 -12.86 7.99
N LYS C 155 19.24 -11.92 7.51
CA LYS C 155 18.66 -10.87 8.34
C LYS C 155 17.22 -10.69 7.89
N LYS C 156 16.41 -10.12 8.78
CA LYS C 156 14.99 -9.92 8.51
C LYS C 156 14.80 -8.72 7.59
N ILE C 157 14.29 -8.96 6.38
CA ILE C 157 14.12 -7.94 5.36
C ILE C 157 12.63 -7.66 5.22
N THR C 158 12.18 -6.46 5.61
CA THR C 158 10.76 -6.17 5.72
C THR C 158 10.37 -4.97 4.88
N ILE C 159 9.06 -4.92 4.57
CA ILE C 159 8.44 -3.75 3.97
C ILE C 159 7.98 -2.89 5.14
N ALA C 160 8.82 -1.93 5.52
CA ALA C 160 8.54 -1.12 6.70
C ALA C 160 7.39 -0.16 6.44
N ASP C 161 7.33 0.38 5.23
CA ASP C 161 6.23 1.24 4.82
C ASP C 161 6.02 1.03 3.33
N CYS C 162 4.81 1.36 2.85
CA CYS C 162 4.53 1.28 1.42
C CYS C 162 3.30 2.11 1.10
N GLY C 163 3.12 2.39 -0.18
CA GLY C 163 2.00 3.22 -0.60
C GLY C 163 2.08 3.57 -2.06
N GLN C 164 1.19 4.46 -2.48
CA GLN C 164 1.11 4.88 -3.88
C GLN C 164 1.73 6.26 -4.04
N LEU C 165 2.50 6.44 -5.12
CA LEU C 165 3.10 7.74 -5.42
C LEU C 165 2.35 8.52 -6.48
N GLU C 166 1.78 7.85 -7.47
CA GLU C 166 1.00 8.51 -8.52
C GLU C 166 0.16 7.45 -9.24
N VAL D 3 -10.88 13.53 37.94
CA VAL D 3 -11.92 13.03 37.03
C VAL D 3 -12.01 13.89 35.77
N ASN D 4 -12.24 13.25 34.62
CA ASN D 4 -12.38 13.98 33.36
C ASN D 4 -13.67 14.76 33.34
N PRO D 5 -13.65 16.04 32.99
CA PRO D 5 -14.90 16.81 32.95
C PRO D 5 -15.77 16.40 31.77
N THR D 6 -17.06 16.74 31.89
CA THR D 6 -18.08 16.48 30.88
C THR D 6 -18.72 17.81 30.51
N VAL D 7 -18.87 18.07 29.21
CA VAL D 7 -19.52 19.29 28.75
C VAL D 7 -20.66 18.89 27.82
N PHE D 8 -21.60 19.83 27.60
CA PHE D 8 -22.73 19.55 26.73
C PHE D 8 -22.93 20.68 25.72
N PHE D 9 -23.46 20.30 24.55
CA PHE D 9 -24.01 21.23 23.56
C PHE D 9 -25.48 20.91 23.36
N ASP D 10 -26.33 21.93 23.39
CA ASP D 10 -27.71 21.79 22.90
C ASP D 10 -27.76 22.33 21.47
N ILE D 11 -28.01 21.42 20.52
CA ILE D 11 -27.95 21.74 19.10
C ILE D 11 -29.33 22.17 18.61
N ALA D 12 -29.36 23.20 17.77
CA ALA D 12 -30.58 23.65 17.11
C ALA D 12 -30.35 23.70 15.61
N VAL D 13 -31.44 23.59 14.86
CA VAL D 13 -31.45 23.60 13.41
C VAL D 13 -32.41 24.70 12.98
N ASP D 14 -31.88 25.75 12.36
CA ASP D 14 -32.69 26.94 12.05
C ASP D 14 -33.46 27.41 13.28
N GLY D 15 -32.83 27.35 14.45
CA GLY D 15 -33.45 27.81 15.67
C GLY D 15 -34.40 26.83 16.34
N GLU D 16 -34.62 25.68 15.77
CA GLU D 16 -35.49 24.69 16.39
C GLU D 16 -34.63 23.62 17.06
N PRO D 17 -34.95 23.24 18.29
CA PRO D 17 -34.10 22.29 19.02
C PRO D 17 -34.03 20.92 18.35
N LEU D 18 -32.83 20.35 18.34
CA LEU D 18 -32.59 19.00 17.86
C LEU D 18 -32.31 18.03 19.00
N GLY D 19 -31.32 18.35 19.84
CA GLY D 19 -31.00 17.48 20.95
C GLY D 19 -29.67 17.87 21.56
N ARG D 20 -29.34 17.17 22.64
CA ARG D 20 -28.13 17.44 23.41
C ARG D 20 -27.05 16.42 23.08
N VAL D 21 -25.83 16.92 22.87
CA VAL D 21 -24.62 16.10 22.78
C VAL D 21 -23.76 16.41 23.98
N SER D 22 -23.22 15.38 24.61
CA SER D 22 -22.28 15.61 25.70
C SER D 22 -20.96 14.92 25.38
N PHE D 23 -19.88 15.48 25.93
CA PHE D 23 -18.52 15.03 25.60
C PHE D 23 -17.77 14.78 26.90
N GLU D 24 -16.97 13.74 26.90
CA GLU D 24 -15.92 13.59 27.91
C GLU D 24 -14.66 14.26 27.38
N LEU D 25 -14.03 15.08 28.22
CA LEU D 25 -12.79 15.78 27.86
C LEU D 25 -11.64 15.08 28.55
N PHE D 26 -10.61 14.67 27.79
CA PHE D 26 -9.53 13.86 28.34
C PHE D 26 -8.48 14.74 29.03
N ALA D 27 -8.92 15.39 30.12
CA ALA D 27 -8.00 16.23 30.89
C ALA D 27 -6.82 15.44 31.44
N ASP D 28 -7.01 14.13 31.66
CA ASP D 28 -5.93 13.27 32.15
C ASP D 28 -4.81 13.09 31.12
N LYS D 29 -5.09 13.22 29.83
CA LYS D 29 -4.06 13.10 28.79
C LYS D 29 -3.66 14.41 28.15
N VAL D 30 -4.60 15.33 27.93
CA VAL D 30 -4.32 16.64 27.30
C VAL D 30 -4.97 17.72 28.15
N PRO D 31 -4.39 18.06 29.31
CA PRO D 31 -5.09 18.96 30.22
C PRO D 31 -5.29 20.36 29.66
N LYS D 32 -4.28 20.93 28.98
CA LYS D 32 -4.42 22.31 28.51
C LYS D 32 -5.48 22.42 27.41
N THR D 33 -5.52 21.44 26.51
CA THR D 33 -6.49 21.44 25.42
C THR D 33 -7.90 21.19 25.94
N ALA D 34 -8.07 20.24 26.86
CA ALA D 34 -9.38 20.00 27.48
C ALA D 34 -9.86 21.25 28.23
N GLU D 35 -8.96 21.94 28.93
CA GLU D 35 -9.38 23.10 29.71
C GLU D 35 -9.85 24.24 28.81
N ASN D 36 -9.18 24.44 27.66
CA ASN D 36 -9.65 25.42 26.69
C ASN D 36 -11.08 25.13 26.25
N PHE D 37 -11.34 23.88 25.82
CA PHE D 37 -12.69 23.53 25.36
C PHE D 37 -13.71 23.64 26.49
N ARG D 38 -13.34 23.24 27.71
CA ARG D 38 -14.25 23.35 28.86
C ARG D 38 -14.62 24.80 29.12
N ALA D 39 -13.61 25.67 29.23
CA ALA D 39 -13.88 27.08 29.53
C ALA D 39 -14.71 27.73 28.43
N LEU D 40 -14.42 27.40 27.17
CA LEU D 40 -15.22 27.99 26.10
C LEU D 40 -16.65 27.46 26.10
N SER D 41 -16.86 26.25 26.64
CA SER D 41 -18.21 25.70 26.72
C SER D 41 -19.02 26.32 27.84
N THR D 42 -18.36 26.71 28.94
CA THR D 42 -19.06 27.42 30.01
C THR D 42 -19.20 28.90 29.72
N GLY D 43 -18.38 29.46 28.83
CA GLY D 43 -18.37 30.88 28.58
C GLY D 43 -17.73 31.73 29.67
N GLU D 44 -16.99 31.10 30.59
CA GLU D 44 -16.58 31.76 31.81
C GLU D 44 -15.55 32.87 31.61
N LYS D 45 -14.94 32.97 30.43
CA LYS D 45 -14.02 34.06 30.14
C LYS D 45 -14.71 35.26 29.50
N GLY D 46 -16.03 35.21 29.36
CA GLY D 46 -16.77 36.24 28.65
C GLY D 46 -16.91 36.00 27.16
N PHE D 47 -16.51 34.82 26.68
CA PHE D 47 -16.67 34.45 25.28
C PHE D 47 -16.65 32.93 25.21
N GLY D 48 -17.11 32.38 24.09
CA GLY D 48 -17.11 30.95 23.95
C GLY D 48 -18.13 30.48 22.92
N TYR D 49 -18.45 29.18 23.00
CA TYR D 49 -19.15 28.47 21.92
C TYR D 49 -20.61 28.85 21.78
N LYS D 50 -21.26 29.31 22.87
CA LYS D 50 -22.70 29.52 22.82
C LYS D 50 -23.08 30.49 21.71
N GLY D 51 -24.07 30.11 20.92
CA GLY D 51 -24.50 30.92 19.81
C GLY D 51 -23.78 30.68 18.51
N SER D 52 -22.65 29.98 18.52
CA SER D 52 -21.91 29.74 17.29
C SER D 52 -22.46 28.51 16.55
N CYS D 53 -21.97 28.29 15.34
CA CYS D 53 -22.58 27.30 14.48
C CYS D 53 -21.56 26.26 14.03
N PHE D 54 -22.08 25.14 13.51
CA PHE D 54 -21.25 24.15 12.81
C PHE D 54 -21.21 24.59 11.36
N HIS D 55 -20.09 25.17 10.92
CA HIS D 55 -20.01 25.76 9.60
C HIS D 55 -19.65 24.77 8.52
N ARG D 56 -19.22 23.56 8.87
CA ARG D 56 -18.73 22.61 7.89
C ARG D 56 -19.17 21.21 8.32
N ILE D 57 -20.01 20.58 7.52
CA ILE D 57 -20.51 19.25 7.85
C ILE D 57 -20.38 18.42 6.57
N ILE D 58 -19.56 17.37 6.63
CA ILE D 58 -19.30 16.55 5.45
C ILE D 58 -19.71 15.12 5.81
N PRO D 59 -20.83 14.63 5.29
CA PRO D 59 -21.28 13.28 5.63
C PRO D 59 -20.22 12.25 5.30
N GLY D 60 -20.06 11.29 6.20
CA GLY D 60 -19.03 10.28 6.06
C GLY D 60 -17.72 10.63 6.72
N PHE D 61 -17.56 11.87 7.23
CA PHE D 61 -16.27 12.32 7.77
C PHE D 61 -16.41 13.06 9.10
N MET D 62 -16.98 14.27 9.11
CA MET D 62 -16.94 15.00 10.37
C MET D 62 -17.88 16.19 10.33
N CYS D 63 -18.14 16.74 11.53
CA CYS D 63 -18.84 17.99 11.74
C CYS D 63 -17.87 18.95 12.41
N GLN D 64 -17.69 20.15 11.85
CA GLN D 64 -16.71 21.13 12.35
C GLN D 64 -17.39 22.42 12.78
N GLY D 65 -16.98 22.95 13.94
CA GLY D 65 -17.57 24.18 14.42
C GLY D 65 -16.61 25.01 15.24
N GLY D 66 -17.13 26.00 15.96
CA GLY D 66 -16.37 26.69 16.98
C GLY D 66 -15.86 28.08 16.63
N ASP D 67 -16.22 28.62 15.47
CA ASP D 67 -15.80 29.99 15.15
C ASP D 67 -16.79 30.97 15.75
N PHE D 68 -16.52 31.41 16.98
CA PHE D 68 -17.40 32.36 17.64
C PHE D 68 -16.91 33.81 17.52
N THR D 69 -15.82 34.08 16.80
CA THR D 69 -15.36 35.46 16.67
C THR D 69 -15.74 36.08 15.34
N ARG D 70 -15.70 35.31 14.26
CA ARG D 70 -16.08 35.82 12.94
C ARG D 70 -17.29 35.16 12.34
N HIS D 71 -17.69 33.99 12.85
CA HIS D 71 -18.88 33.28 12.37
C HIS D 71 -18.83 33.04 10.86
N ASN D 72 -17.62 32.81 10.31
CA ASN D 72 -17.53 32.49 8.90
C ASN D 72 -16.57 31.32 8.63
N GLY D 73 -16.19 30.56 9.67
CA GLY D 73 -15.31 29.44 9.50
C GLY D 73 -13.84 29.77 9.56
N THR D 74 -13.46 31.04 9.67
CA THR D 74 -12.05 31.40 9.71
C THR D 74 -11.56 31.86 11.09
N GLY D 75 -12.45 32.09 12.04
CA GLY D 75 -12.04 32.68 13.30
C GLY D 75 -11.98 31.74 14.48
N GLY D 76 -12.27 32.28 15.66
CA GLY D 76 -12.10 31.61 16.92
C GLY D 76 -10.82 32.05 17.63
N LYS D 77 -10.79 31.79 18.94
CA LYS D 77 -9.59 32.06 19.71
C LYS D 77 -9.61 31.18 20.96
N SER D 78 -8.42 30.93 21.50
CA SER D 78 -8.30 30.12 22.70
C SER D 78 -8.37 31.00 23.95
N ILE D 79 -8.44 30.34 25.11
CA ILE D 79 -8.36 31.10 26.36
C ILE D 79 -6.93 31.51 26.68
N TYR D 80 -5.95 31.09 25.89
CA TYR D 80 -4.55 31.38 26.16
C TYR D 80 -3.97 32.45 25.24
N GLY D 81 -4.81 33.12 24.47
CA GLY D 81 -4.38 33.92 23.34
C GLY D 81 -5.05 33.43 22.07
N GLU D 82 -4.70 34.09 20.95
CA GLU D 82 -5.36 33.73 19.70
C GLU D 82 -5.16 32.25 19.38
N LYS D 83 -3.93 31.75 19.51
CA LYS D 83 -3.61 30.36 19.19
C LYS D 83 -2.70 29.79 20.27
N PHE D 84 -2.69 28.46 20.38
CA PHE D 84 -1.76 27.79 21.29
C PHE D 84 -1.21 26.53 20.63
N GLU D 85 -0.11 26.01 21.19
CA GLU D 85 0.64 24.93 20.59
C GLU D 85 -0.10 23.59 20.68
N ASP D 86 0.32 22.65 19.84
CA ASP D 86 -0.16 21.28 19.92
C ASP D 86 0.36 20.64 21.20
N GLU D 87 -0.56 20.26 22.10
CA GLU D 87 -0.13 19.79 23.40
C GLU D 87 0.58 18.44 23.31
N ASN D 88 -0.05 17.46 22.66
CA ASN D 88 0.54 16.17 22.31
C ASN D 88 -0.38 15.51 21.30
N PHE D 89 0.11 14.41 20.72
CA PHE D 89 -0.62 13.62 19.73
C PHE D 89 -0.78 12.18 20.21
N ILE D 90 -0.93 12.02 21.52
CA ILE D 90 -1.03 10.69 22.11
C ILE D 90 -2.28 9.97 21.61
N LEU D 91 -3.41 10.67 21.55
CA LEU D 91 -4.67 10.03 21.18
C LEU D 91 -4.89 10.10 19.67
N LYS D 92 -5.59 9.11 19.14
CA LYS D 92 -5.73 8.97 17.71
C LYS D 92 -7.19 9.10 17.28
N HIS D 93 -7.40 9.34 15.99
CA HIS D 93 -8.74 9.47 15.42
C HIS D 93 -9.24 8.06 15.08
N THR D 94 -9.76 7.36 16.09
CA THR D 94 -10.05 5.93 15.99
C THR D 94 -11.42 5.60 15.42
N GLY D 95 -12.36 6.56 15.38
CA GLY D 95 -13.71 6.25 14.94
C GLY D 95 -14.71 7.34 15.24
N PRO D 96 -15.99 7.05 15.04
CA PRO D 96 -17.03 8.07 15.24
C PRO D 96 -17.05 8.54 16.68
N GLY D 97 -17.27 9.84 16.86
CA GLY D 97 -17.38 10.46 18.17
C GLY D 97 -16.11 11.10 18.69
N ILE D 98 -14.97 10.87 18.05
CA ILE D 98 -13.74 11.52 18.49
C ILE D 98 -13.87 13.03 18.35
N LEU D 99 -13.44 13.76 19.38
CA LEU D 99 -13.46 15.22 19.43
C LEU D 99 -12.01 15.70 19.32
N SER D 100 -11.74 16.56 18.33
CA SER D 100 -10.35 16.89 17.99
C SER D 100 -10.27 18.35 17.54
N MET D 101 -9.07 18.93 17.58
CA MET D 101 -8.90 20.35 17.30
C MET D 101 -8.69 20.59 15.81
N ALA D 102 -9.43 21.55 15.26
CA ALA D 102 -9.11 22.07 13.94
C ALA D 102 -7.87 22.97 14.03
N ASN D 103 -7.20 23.19 12.89
CA ASN D 103 -6.06 24.10 12.94
C ASN D 103 -5.67 24.55 11.54
N ALA D 104 -4.74 25.49 11.50
CA ALA D 104 -4.16 26.00 10.27
C ALA D 104 -2.72 25.50 10.08
N GLY D 105 -2.42 24.31 10.59
CA GLY D 105 -1.08 23.79 10.57
C GLY D 105 -0.49 23.68 11.96
N PRO D 106 0.81 23.34 12.04
CA PRO D 106 1.42 23.09 13.35
C PRO D 106 1.23 24.26 14.31
N ASN D 107 0.84 23.93 15.55
CA ASN D 107 0.74 24.87 16.67
C ASN D 107 -0.16 26.06 16.36
N THR D 108 -1.36 25.79 15.83
CA THR D 108 -2.30 26.87 15.55
C THR D 108 -3.70 26.55 16.08
N ASN D 109 -3.79 25.95 17.26
CA ASN D 109 -5.06 25.66 17.89
C ASN D 109 -5.71 26.93 18.41
N GLY D 110 -7.01 27.10 18.10
CA GLY D 110 -7.74 28.22 18.65
C GLY D 110 -8.97 27.75 19.41
N SER D 111 -10.14 27.90 18.79
CA SER D 111 -11.36 27.33 19.34
C SER D 111 -12.04 26.35 18.41
N GLN D 112 -11.72 26.35 17.12
CA GLN D 112 -12.42 25.46 16.22
C GLN D 112 -12.07 23.99 16.50
N PHE D 113 -13.06 23.13 16.36
CA PHE D 113 -12.97 21.71 16.71
C PHE D 113 -13.75 20.92 15.66
N PHE D 114 -13.57 19.61 15.67
CA PHE D 114 -14.41 18.78 14.81
C PHE D 114 -14.76 17.51 15.56
N ILE D 115 -15.93 16.96 15.22
CA ILE D 115 -16.41 15.67 15.75
C ILE D 115 -16.41 14.69 14.59
N CYS D 116 -15.71 13.58 14.75
CA CYS D 116 -15.63 12.56 13.70
C CYS D 116 -16.92 11.76 13.59
N THR D 117 -17.33 11.45 12.37
CA THR D 117 -18.41 10.49 12.19
C THR D 117 -17.93 9.21 11.52
N ALA D 118 -16.62 9.04 11.42
CA ALA D 118 -15.97 7.85 10.90
C ALA D 118 -14.53 7.90 11.38
N LYS D 119 -13.79 6.82 11.19
CA LYS D 119 -12.36 6.85 11.46
C LYS D 119 -11.62 7.72 10.45
N THR D 120 -10.78 8.64 10.93
CA THR D 120 -10.06 9.57 10.07
C THR D 120 -8.56 9.53 10.43
N GLU D 121 -7.95 8.36 10.21
CA GLU D 121 -6.62 8.11 10.77
C GLU D 121 -5.53 8.96 10.13
N TRP D 122 -5.71 9.47 8.91
CA TRP D 122 -4.71 10.34 8.29
C TRP D 122 -4.55 11.68 9.00
N LEU D 123 -5.47 12.03 9.91
CA LEU D 123 -5.32 13.23 10.73
C LEU D 123 -4.49 12.96 11.98
N ASP D 124 -4.17 11.71 12.27
CA ASP D 124 -3.32 11.39 13.41
C ASP D 124 -2.01 12.13 13.31
N GLY D 125 -1.57 12.72 14.43
CA GLY D 125 -0.31 13.42 14.49
C GLY D 125 -0.36 14.79 13.87
N LYS D 126 -1.52 15.24 13.42
CA LYS D 126 -1.70 16.55 12.84
C LYS D 126 -2.74 17.38 13.58
N HIS D 127 -3.76 16.74 14.13
CA HIS D 127 -4.76 17.38 14.98
C HIS D 127 -4.77 16.70 16.34
N VAL D 128 -4.88 17.52 17.39
CA VAL D 128 -4.86 17.05 18.77
C VAL D 128 -6.25 16.53 19.14
N VAL D 129 -6.33 15.24 19.40
CA VAL D 129 -7.54 14.60 19.92
C VAL D 129 -7.62 14.88 21.40
N PHE D 130 -8.80 15.28 21.88
CA PHE D 130 -8.88 15.64 23.29
C PHE D 130 -10.20 15.25 23.96
N GLY D 131 -11.07 14.55 23.26
CA GLY D 131 -12.32 14.16 23.90
C GLY D 131 -13.08 13.17 23.04
N LYS D 132 -14.27 12.81 23.51
CA LYS D 132 -15.14 11.98 22.70
C LYS D 132 -16.58 12.22 23.13
N VAL D 133 -17.51 12.00 22.19
CA VAL D 133 -18.94 12.02 22.52
C VAL D 133 -19.24 10.93 23.55
N LYS D 134 -19.98 11.32 24.58
CA LYS D 134 -20.41 10.43 25.65
C LYS D 134 -21.88 10.05 25.45
N GLU D 135 -22.75 11.05 25.38
CA GLU D 135 -24.16 10.86 25.08
C GLU D 135 -24.56 11.65 23.84
N GLY D 136 -25.56 11.16 23.13
CA GLY D 136 -26.12 11.93 22.04
C GLY D 136 -25.40 11.81 20.73
N MET D 137 -24.68 10.70 20.49
CA MET D 137 -24.09 10.51 19.18
C MET D 137 -25.16 10.46 18.09
N ASN D 138 -26.40 10.06 18.42
CA ASN D 138 -27.41 10.09 17.37
C ASN D 138 -27.78 11.51 16.96
N ILE D 139 -27.54 12.49 17.82
CA ILE D 139 -27.70 13.90 17.44
C ILE D 139 -26.67 14.28 16.39
N VAL D 140 -25.40 13.90 16.60
CA VAL D 140 -24.37 14.18 15.60
C VAL D 140 -24.73 13.49 14.29
N GLU D 141 -25.18 12.24 14.35
CA GLU D 141 -25.56 11.54 13.13
C GLU D 141 -26.69 12.29 12.42
N ALA D 142 -27.61 12.88 13.18
CA ALA D 142 -28.73 13.61 12.60
C ALA D 142 -28.28 14.91 11.96
N MET D 143 -27.16 15.50 12.41
CA MET D 143 -26.65 16.72 11.81
C MET D 143 -26.09 16.48 10.40
N GLU D 144 -25.67 15.26 10.09
CA GLU D 144 -24.96 15.01 8.83
C GLU D 144 -25.80 15.35 7.60
N ARG D 145 -27.12 15.17 7.66
CA ARG D 145 -27.91 15.42 6.45
C ARG D 145 -28.01 16.90 6.12
N PHE D 146 -27.64 17.79 7.02
CA PHE D 146 -27.62 19.20 6.67
C PHE D 146 -26.29 19.60 6.05
N GLY D 147 -25.40 18.64 5.80
CA GLY D 147 -24.11 18.90 5.20
C GLY D 147 -24.08 18.60 3.71
N SER D 148 -22.87 18.50 3.17
CA SER D 148 -22.67 18.34 1.74
C SER D 148 -21.23 17.94 1.48
N ARG D 149 -20.95 17.61 0.20
CA ARG D 149 -19.63 17.16 -0.20
C ARG D 149 -18.52 18.11 0.23
N ASN D 150 -18.69 19.41 0.01
CA ASN D 150 -17.64 20.34 0.40
C ASN D 150 -17.88 20.95 1.77
N GLY D 151 -18.98 20.61 2.44
CA GLY D 151 -19.19 21.01 3.81
C GLY D 151 -20.21 22.10 4.01
N LYS D 152 -20.62 22.83 2.96
CA LYS D 152 -21.62 23.87 3.11
C LYS D 152 -22.90 23.26 3.69
N THR D 153 -23.50 23.97 4.65
CA THR D 153 -24.70 23.45 5.27
C THR D 153 -25.95 24.07 4.63
N SER D 154 -27.03 23.29 4.61
CA SER D 154 -28.28 23.72 4.00
C SER D 154 -29.24 24.31 5.02
N LYS D 155 -28.96 24.12 6.31
CA LYS D 155 -29.68 24.77 7.39
C LYS D 155 -28.64 25.29 8.38
N LYS D 156 -29.03 26.25 9.22
CA LYS D 156 -28.11 26.80 10.20
C LYS D 156 -28.09 25.92 11.44
N ILE D 157 -26.95 25.29 11.70
CA ILE D 157 -26.79 24.34 12.82
C ILE D 157 -26.06 25.08 13.92
N THR D 158 -26.72 25.32 15.06
CA THR D 158 -26.11 26.18 16.05
C THR D 158 -25.98 25.47 17.39
N ILE D 159 -25.05 25.98 18.19
CA ILE D 159 -24.91 25.59 19.58
C ILE D 159 -25.80 26.58 20.33
N ALA D 160 -27.06 26.17 20.55
CA ALA D 160 -28.03 27.07 21.17
C ALA D 160 -27.68 27.31 22.64
N ASP D 161 -27.16 26.30 23.32
CA ASP D 161 -26.69 26.44 24.69
C ASP D 161 -25.55 25.45 24.90
N CYS D 162 -24.72 25.73 25.90
CA CYS D 162 -23.62 24.82 26.22
C CYS D 162 -23.12 25.12 27.62
N GLY D 163 -22.48 24.12 28.21
CA GLY D 163 -21.93 24.30 29.54
C GLY D 163 -21.32 23.02 30.06
N GLN D 164 -21.08 23.00 31.36
CA GLN D 164 -20.41 21.88 32.00
C GLN D 164 -21.40 21.13 32.88
N LEU D 165 -21.41 19.80 32.78
CA LEU D 165 -22.22 18.95 33.62
C LEU D 165 -21.44 18.57 34.89
N GLU D 166 -22.17 18.29 35.96
CA GLU D 166 -21.54 17.89 37.21
C GLU D 166 -20.76 16.58 37.06
#